data_1POV
#
_entry.id   1POV
#
_cell.length_a   322.900
_cell.length_b   358.000
_cell.length_c   380.100
_cell.angle_alpha   90.00
_cell.angle_beta   90.00
_cell.angle_gamma   90.00
#
_symmetry.space_group_name_H-M   'P 21 21 2'
#
loop_
_entity.id
_entity.type
_entity.pdbx_description
1 polymer 'POLIOVIRUS NATIVE EMPTY CAPSID (TYPE 1)'
2 polymer 'POLIOVIRUS NATIVE EMPTY CAPSID (TYPE 1)'
3 polymer 'POLIOVIRUS NATIVE EMPTY CAPSID (TYPE 1)'
4 non-polymer 'MYRISTIC ACID'
5 non-polymer SPHINGOSINE
6 water water
#
loop_
_entity_poly.entity_id
_entity_poly.type
_entity_poly.pdbx_seq_one_letter_code
_entity_poly.pdbx_strand_id
1 'polypeptide(L)'
;GAQVSSQKVGAHENSNRAYGGSTINYTTINYYRDSASNAASKQDFSQDPSKFTEPIKDVLIKTAPMLNSPNIEACGYSDR
VLQLTLGNSTITTQEAANSVVAYGRWPEYLRDSEANPVDQPTEPDVAACRFYTLDTVSWTKESRGWWWKLPDALRDMGLF
GQNMYYHYLGRSGYTVHVQCNASKFHQGALGVFAVPEMCLAGDSNTTTMHTSYQNANPGEKGGTFTGTFTPDNNQTSPAR
RFCPVDYLLGNGTLLGNAFVFPHQIINLRTNNCATLVLPYVNSLSIDSMVKHNNWGIAILPLAPLNFASESSPEIPITLT
IAPMCCEFNGLRNITLPRLQ
;
0
2 'polypeptide(L)'
;GLGQMLESMIDNTVRETVGAATSRDALPNTEASGPTHSKEIPALTAVETGATNPLVPSDTVQTRHVVQHRSRSESSIESF
FARGACVTIMTVDNPASTTNKDKLFAVWKITYKDTVQLRRKLEFFTYSRFDMELTFVVTANFTETNNGHALNQVYQIMYV
PPGAPVPEKWDDYTWQTSSNPSIFYTYGTAPARISVPYVGISNAYSHFYDGFSKVPLKDQSAALGDSLYGAASLNDFGIL
AVRVVNDHNPTKVTSKIRVYLKPKHIRVWCPRPPRAVAYYGPGVDYKDGTLTPLSTKDLTTY
;
1
3 'polypeptide(L)'
;GLPVMNTPGSNQYLTADNFQSPCALPEFDVTPPIDIPGEVKNMMELAEIDTMIPFDLSATKKNTMEMYRVRLSDKPHTDD
PILCLSLSPASDPRLSHTMLGEILNYYTHWAGSLKFTFLFCGSMMATGKLLVSYAPPGADPPKKRKEAMLGTHVIWDIGL
QSSCTMVVPWISNTTYRQTIDDSFTEGGYISVFYQTRIVVPLSTPREMDILGFVSACNDFSVRLLRDTTHIEQKALAQ
;
3
#
# COMPACT_ATOMS: atom_id res chain seq x y z
N GLY A 1 -41.73 -2.12 6.13
CA GLY A 1 -40.38 -2.41 5.63
C GLY A 1 -39.28 -2.32 6.69
N ALA A 2 -39.68 -2.19 7.95
CA ALA A 2 -38.74 -2.12 9.06
C ALA A 2 -37.92 -3.40 9.14
N GLN A 3 -36.65 -3.22 9.27
CA GLN A 3 -35.67 -4.30 9.31
C GLN A 3 -35.08 -4.60 10.69
N VAL A 4 -35.48 -5.69 11.29
CA VAL A 4 -35.02 -6.08 12.63
C VAL A 4 -33.85 -7.04 12.66
N SER A 5 -32.81 -6.73 13.40
CA SER A 5 -31.69 -7.66 13.51
C SER A 5 -30.81 -7.59 14.71
N SER A 6 -30.24 -8.74 15.00
CA SER A 6 -29.32 -8.96 16.11
C SER A 6 -28.26 -7.91 16.40
N GLN A 7 -28.28 -7.41 17.63
CA GLN A 7 -27.28 -6.42 18.03
C GLN A 7 -25.87 -6.96 18.21
N LYS A 8 -24.88 -6.15 17.89
CA LYS A 8 -23.48 -6.46 18.17
C LYS A 8 -23.25 -6.55 19.70
N VAL A 9 -23.24 -7.76 20.19
CA VAL A 9 -23.11 -8.14 21.60
C VAL A 9 -21.77 -8.70 22.07
N GLY A 10 -21.47 -8.61 23.38
CA GLY A 10 -20.35 -9.41 23.96
C GLY A 10 -20.53 -10.96 23.90
N ALA A 11 -20.13 -11.75 24.94
CA ALA A 11 -20.34 -13.25 24.91
C ALA A 11 -20.77 -13.97 26.22
N HIS A 12 -21.91 -13.54 26.80
CA HIS A 12 -22.39 -14.06 28.11
C HIS A 12 -23.19 -15.36 27.94
N ILE A 24 -31.66 -10.37 21.80
CA ILE A 24 -31.56 -8.89 21.85
C ILE A 24 -31.09 -8.14 20.57
N ASN A 25 -32.01 -7.32 20.04
CA ASN A 25 -31.69 -6.65 18.80
C ASN A 25 -32.18 -5.24 18.53
N TYR A 26 -31.78 -4.70 17.38
CA TYR A 26 -32.21 -3.38 17.01
C TYR A 26 -32.99 -3.28 15.71
N THR A 27 -33.66 -2.15 15.55
CA THR A 27 -34.48 -1.94 14.39
C THR A 27 -33.99 -0.83 13.48
N THR A 28 -34.17 -1.08 12.18
CA THR A 28 -33.74 -0.12 11.16
C THR A 28 -34.74 0.15 10.05
N ILE A 29 -34.91 1.41 9.67
CA ILE A 29 -35.71 1.75 8.50
C ILE A 29 -34.97 2.69 7.58
N ASN A 30 -34.92 2.38 6.30
CA ASN A 30 -34.34 3.27 5.34
C ASN A 30 -35.25 4.40 4.91
N TYR A 31 -34.81 5.63 5.11
CA TYR A 31 -35.63 6.78 4.84
C TYR A 31 -35.51 7.33 3.42
N TYR A 32 -34.45 6.98 2.75
CA TYR A 32 -34.15 7.53 1.45
C TYR A 32 -34.16 6.59 0.26
N ARG A 33 -34.36 7.16 -0.93
CA ARG A 33 -34.36 6.34 -2.13
C ARG A 33 -33.01 5.86 -2.65
N ASP A 34 -31.93 6.59 -2.42
CA ASP A 34 -30.62 6.18 -2.90
C ASP A 34 -29.84 5.39 -1.87
N SER A 35 -29.39 4.18 -2.18
CA SER A 35 -28.58 3.36 -1.26
C SER A 35 -27.43 4.11 -0.63
N ALA A 36 -26.82 5.01 -1.38
CA ALA A 36 -25.75 5.87 -0.86
C ALA A 36 -26.10 6.59 0.42
N SER A 37 -27.35 7.00 0.53
CA SER A 37 -27.85 7.61 1.74
C SER A 37 -27.86 6.73 2.98
N ASN A 38 -27.91 5.45 2.74
CA ASN A 38 -27.93 4.46 3.79
C ASN A 38 -26.78 4.44 4.76
N ALA A 39 -27.11 4.13 6.00
CA ALA A 39 -26.07 3.96 6.99
C ALA A 39 -25.20 2.75 6.71
N ALA A 40 -24.02 2.75 7.27
CA ALA A 40 -23.09 1.63 7.12
C ALA A 40 -23.64 0.38 7.74
N SER A 41 -23.71 -0.69 6.97
CA SER A 41 -24.22 -1.93 7.54
C SER A 41 -23.16 -2.98 7.95
N LYS A 42 -22.66 -2.85 9.18
CA LYS A 42 -21.61 -3.75 9.71
C LYS A 42 -21.82 -5.26 9.45
N GLN A 43 -21.16 -5.71 8.37
CA GLN A 43 -21.31 -7.10 7.89
C GLN A 43 -22.78 -7.50 7.59
N ILE A 56 -10.17 -23.16 12.49
CA ILE A 56 -9.71 -23.07 13.89
C ILE A 56 -8.57 -24.02 14.33
N LYS A 57 -8.85 -25.34 14.36
CA LYS A 57 -7.91 -26.37 14.84
C LYS A 57 -6.40 -26.03 14.71
N ASP A 58 -6.02 -25.71 13.45
CA ASP A 58 -4.65 -25.35 13.13
C ASP A 58 -4.36 -23.86 12.85
N VAL A 59 -3.84 -23.15 13.86
CA VAL A 59 -3.45 -21.72 13.66
C VAL A 59 -2.61 -21.33 12.42
N LEU A 60 -1.71 -22.27 12.09
CA LEU A 60 -0.81 -22.03 10.95
C LEU A 60 -1.48 -21.73 9.60
N ILE A 61 -2.74 -22.18 9.47
CA ILE A 61 -3.51 -21.91 8.26
C ILE A 61 -3.91 -20.45 7.94
N LYS A 62 -3.72 -20.03 6.67
CA LYS A 62 -4.10 -18.66 6.25
C LYS A 62 -5.58 -18.32 6.13
N THR A 63 -6.08 -17.32 6.84
CA THR A 63 -7.45 -16.79 6.61
C THR A 63 -7.79 -16.52 5.15
N ALA A 64 -6.89 -15.82 4.47
CA ALA A 64 -7.11 -15.49 3.06
C ALA A 64 -5.92 -15.81 2.11
N PRO A 65 -5.60 -17.10 2.05
CA PRO A 65 -4.57 -17.66 1.14
C PRO A 65 -4.23 -16.89 -0.13
N MET A 66 -5.21 -16.65 -1.01
CA MET A 66 -4.98 -15.90 -2.25
C MET A 66 -4.18 -14.60 -2.05
N LEU A 67 -4.51 -13.84 -0.99
CA LEU A 67 -3.69 -12.67 -0.61
C LEU A 67 -2.26 -13.05 -0.25
N ASN A 68 -2.01 -14.29 0.14
CA ASN A 68 -0.69 -14.85 0.39
C ASN A 68 0.14 -15.54 -0.71
N SER A 69 -0.01 -15.26 -2.02
CA SER A 69 0.90 -15.86 -3.04
C SER A 69 0.92 -17.40 -3.18
N PRO A 70 -0.17 -17.97 -3.70
CA PRO A 70 -0.28 -19.42 -3.98
C PRO A 70 0.58 -20.03 -5.09
N ASN A 71 0.67 -21.37 -5.24
CA ASN A 71 1.43 -21.97 -6.37
C ASN A 71 0.59 -22.42 -7.55
N ILE A 72 1.22 -22.53 -8.75
CA ILE A 72 0.56 -23.17 -9.92
C ILE A 72 -0.14 -24.44 -9.41
N GLU A 73 0.52 -25.10 -8.46
CA GLU A 73 -0.09 -26.20 -7.70
C GLU A 73 -1.31 -25.88 -6.80
N ALA A 74 -1.08 -24.97 -5.80
CA ALA A 74 -2.04 -24.62 -4.72
C ALA A 74 -3.50 -24.13 -5.01
N CYS A 75 -3.90 -24.02 -6.28
CA CYS A 75 -5.29 -23.69 -6.61
C CYS A 75 -5.85 -24.72 -7.60
N GLY A 76 -5.02 -25.73 -7.95
CA GLY A 76 -5.38 -26.76 -8.93
C GLY A 76 -5.29 -26.29 -10.39
N TYR A 77 -4.08 -26.35 -11.00
CA TYR A 77 -3.91 -25.90 -12.40
C TYR A 77 -2.91 -26.64 -13.33
N LEU A 82 8.41 -31.26 -16.06
CA LEU A 82 7.41 -30.35 -16.64
C LEU A 82 7.82 -29.48 -17.83
N GLN A 83 6.87 -29.42 -18.80
CA GLN A 83 7.04 -28.56 -19.99
C GLN A 83 6.03 -27.38 -20.12
N LEU A 84 6.41 -26.18 -19.66
CA LEU A 84 5.57 -24.96 -19.81
C LEU A 84 5.59 -24.37 -21.25
N THR A 85 4.46 -24.47 -21.97
CA THR A 85 4.41 -24.11 -23.43
C THR A 85 3.36 -23.12 -23.94
N LEU A 86 3.73 -22.06 -24.68
CA LEU A 86 2.76 -21.15 -25.32
C LEU A 86 3.08 -20.98 -26.80
N GLY A 87 2.16 -21.33 -27.71
CA GLY A 87 2.48 -21.30 -29.14
C GLY A 87 3.73 -22.14 -29.43
N ASN A 88 4.68 -21.63 -30.23
CA ASN A 88 5.95 -22.36 -30.50
C ASN A 88 6.99 -22.24 -29.35
N SER A 89 6.75 -21.32 -28.44
CA SER A 89 7.63 -21.15 -27.30
C SER A 89 7.40 -22.12 -26.14
N THR A 90 8.47 -22.67 -25.53
CA THR A 90 8.30 -23.63 -24.41
C THR A 90 9.41 -23.68 -23.35
N ILE A 91 9.09 -23.39 -22.10
CA ILE A 91 9.93 -23.68 -20.95
C ILE A 91 9.95 -25.17 -20.51
N THR A 92 11.13 -25.74 -20.22
CA THR A 92 11.28 -27.10 -19.64
C THR A 92 11.49 -26.99 -18.11
N THR A 93 10.47 -27.08 -17.23
CA THR A 93 10.69 -26.90 -15.79
C THR A 93 10.46 -27.96 -14.69
N GLN A 94 11.49 -28.38 -13.95
CA GLN A 94 11.17 -29.22 -12.75
C GLN A 94 10.63 -28.34 -11.64
N GLU A 95 11.32 -27.18 -11.55
CA GLU A 95 11.05 -26.14 -10.57
C GLU A 95 9.56 -25.79 -10.76
N ALA A 96 8.74 -25.84 -9.71
CA ALA A 96 7.31 -25.43 -9.88
C ALA A 96 6.72 -25.03 -8.54
N ALA A 97 7.00 -25.82 -7.48
CA ALA A 97 6.72 -25.33 -6.09
C ALA A 97 7.23 -23.88 -5.92
N ASN A 98 8.22 -23.56 -6.80
CA ASN A 98 8.66 -22.19 -7.03
C ASN A 98 7.87 -21.21 -7.91
N SER A 99 6.62 -21.55 -8.13
CA SER A 99 5.73 -20.73 -8.96
C SER A 99 4.69 -20.05 -8.08
N VAL A 100 4.12 -18.98 -8.57
CA VAL A 100 3.02 -18.34 -7.89
C VAL A 100 1.97 -17.72 -8.77
N VAL A 101 0.71 -17.94 -8.42
CA VAL A 101 -0.38 -17.31 -9.15
C VAL A 101 -0.88 -16.09 -8.40
N ALA A 102 -0.52 -14.91 -8.86
CA ALA A 102 -0.92 -13.67 -8.21
C ALA A 102 -2.37 -13.56 -7.77
N TYR A 103 -2.56 -13.21 -6.50
CA TYR A 103 -3.87 -13.04 -5.90
C TYR A 103 -4.74 -14.28 -6.03
N GLY A 104 -4.09 -15.43 -6.18
CA GLY A 104 -4.79 -16.68 -6.41
C GLY A 104 -5.59 -16.70 -7.71
N ARG A 105 -5.36 -15.75 -8.57
CA ARG A 105 -6.12 -15.64 -9.80
C ARG A 105 -5.44 -15.78 -11.13
N TRP A 106 -5.89 -16.81 -11.80
CA TRP A 106 -5.37 -17.15 -13.10
C TRP A 106 -5.86 -16.26 -14.22
N PRO A 107 -5.01 -15.84 -15.14
CA PRO A 107 -5.37 -15.08 -16.32
C PRO A 107 -6.60 -15.55 -17.07
N GLU A 108 -7.44 -14.61 -17.49
CA GLU A 108 -8.67 -14.95 -18.17
C GLU A 108 -9.20 -13.95 -19.23
N TYR A 109 -9.91 -14.42 -20.25
CA TYR A 109 -10.39 -13.51 -21.28
C TYR A 109 -11.50 -12.58 -20.87
N LEU A 110 -11.34 -11.33 -21.33
CA LEU A 110 -12.33 -10.28 -21.07
C LEU A 110 -13.73 -10.71 -21.42
N ARG A 111 -14.29 -11.45 -20.53
CA ARG A 111 -15.56 -12.06 -20.81
C ARG A 111 -16.86 -11.55 -20.29
N ASP A 112 -17.77 -11.85 -21.19
CA ASP A 112 -19.20 -11.90 -20.88
C ASP A 112 -20.06 -12.12 -22.14
N VAL A 126 -4.24 -16.57 -29.72
CA VAL A 126 -3.27 -15.76 -30.48
C VAL A 126 -1.77 -16.05 -30.28
N ALA A 127 -1.02 -16.33 -31.37
CA ALA A 127 0.44 -16.52 -31.20
C ALA A 127 1.36 -15.31 -31.44
N ALA A 128 0.86 -14.15 -31.05
CA ALA A 128 1.67 -12.94 -30.87
C ALA A 128 1.93 -12.93 -29.37
N CYS A 129 1.01 -13.56 -28.65
CA CYS A 129 1.09 -13.77 -27.23
C CYS A 129 1.77 -15.05 -26.81
N ARG A 130 3.10 -15.00 -26.87
CA ARG A 130 3.98 -16.15 -26.58
C ARG A 130 5.15 -15.77 -25.68
N PHE A 131 6.11 -16.66 -25.46
CA PHE A 131 7.29 -16.34 -24.68
C PHE A 131 8.42 -15.60 -25.34
N TYR A 132 8.62 -14.39 -24.85
CA TYR A 132 9.70 -13.53 -25.28
C TYR A 132 10.80 -13.43 -24.24
N THR A 133 12.03 -13.70 -24.63
CA THR A 133 13.16 -13.62 -23.71
C THR A 133 13.88 -12.28 -23.85
N LEU A 134 13.93 -11.51 -22.79
CA LEU A 134 14.57 -10.21 -22.81
C LEU A 134 16.07 -10.25 -22.60
N ASP A 135 16.73 -9.15 -22.89
CA ASP A 135 18.15 -9.03 -22.69
C ASP A 135 18.61 -9.38 -21.30
N THR A 136 19.53 -10.30 -21.26
CA THR A 136 20.06 -10.79 -20.00
C THR A 136 20.83 -9.76 -19.21
N VAL A 137 20.57 -9.67 -17.92
CA VAL A 137 21.32 -8.80 -17.04
C VAL A 137 22.33 -9.54 -16.16
N SER A 138 23.26 -8.80 -15.57
CA SER A 138 24.25 -9.38 -14.67
C SER A 138 24.24 -9.00 -13.20
N TRP A 139 24.06 -10.02 -12.37
CA TRP A 139 24.07 -9.88 -10.93
C TRP A 139 25.47 -9.95 -10.35
N THR A 140 25.83 -8.90 -9.64
CA THR A 140 27.15 -8.82 -9.03
C THR A 140 27.12 -8.51 -7.57
N LYS A 141 28.27 -8.66 -6.90
CA LYS A 141 28.34 -8.40 -5.45
C LYS A 141 27.90 -6.99 -5.08
N GLU A 142 27.76 -6.11 -6.07
CA GLU A 142 27.26 -4.79 -5.81
C GLU A 142 26.00 -4.28 -6.52
N SER A 143 25.26 -5.16 -7.16
CA SER A 143 23.98 -4.78 -7.74
C SER A 143 22.96 -4.37 -6.71
N ARG A 144 22.22 -3.30 -6.85
CA ARG A 144 21.17 -2.98 -5.90
C ARG A 144 19.78 -3.47 -6.29
N GLY A 145 19.59 -3.78 -7.55
CA GLY A 145 18.32 -4.29 -8.03
C GLY A 145 17.90 -3.79 -9.39
N TRP A 146 16.88 -4.42 -9.97
CA TRP A 146 16.39 -4.14 -11.31
C TRP A 146 14.88 -4.03 -11.39
N TRP A 147 14.35 -3.21 -12.27
CA TRP A 147 12.93 -3.10 -12.50
C TRP A 147 12.55 -2.97 -13.95
N TRP A 148 11.34 -3.44 -14.20
CA TRP A 148 10.73 -3.42 -15.53
C TRP A 148 9.26 -3.16 -15.44
N LYS A 149 8.62 -2.72 -16.51
CA LYS A 149 7.17 -2.53 -16.49
C LYS A 149 6.41 -3.19 -17.62
N LEU A 150 5.27 -3.77 -17.34
CA LEU A 150 4.43 -4.40 -18.36
C LEU A 150 3.16 -3.63 -18.68
N PRO A 151 2.75 -3.48 -19.93
CA PRO A 151 3.40 -4.02 -21.11
C PRO A 151 4.71 -3.48 -21.64
N ASP A 152 5.14 -2.31 -21.18
CA ASP A 152 6.31 -1.63 -21.70
C ASP A 152 7.51 -2.46 -22.13
N ALA A 153 8.03 -3.32 -21.28
CA ALA A 153 9.15 -4.19 -21.57
C ALA A 153 9.02 -5.07 -22.80
N LEU A 154 7.79 -5.30 -23.20
CA LEU A 154 7.44 -6.10 -24.35
C LEU A 154 7.03 -5.34 -25.59
N ARG A 155 7.10 -4.02 -25.53
CA ARG A 155 6.66 -3.16 -26.62
C ARG A 155 7.26 -3.38 -28.01
N ASP A 156 8.43 -3.98 -28.07
CA ASP A 156 9.09 -4.30 -29.32
C ASP A 156 9.19 -5.77 -29.65
N MET A 157 8.44 -6.59 -28.95
CA MET A 157 8.49 -8.01 -29.17
C MET A 157 7.52 -8.49 -30.25
N GLY A 158 8.11 -8.75 -31.41
CA GLY A 158 7.40 -9.25 -32.58
C GLY A 158 5.97 -8.76 -32.81
N LEU A 159 5.08 -9.68 -33.13
CA LEU A 159 3.69 -9.32 -33.36
C LEU A 159 2.94 -8.80 -32.17
N PHE A 160 3.36 -9.15 -30.96
CA PHE A 160 2.76 -8.58 -29.76
C PHE A 160 2.84 -7.06 -29.74
N GLY A 161 4.04 -6.57 -29.93
CA GLY A 161 4.30 -5.15 -29.95
C GLY A 161 3.49 -4.42 -31.03
N GLN A 162 3.47 -5.00 -32.22
CA GLN A 162 2.68 -4.50 -33.32
C GLN A 162 1.22 -4.35 -32.98
N ASN A 163 0.67 -5.43 -32.46
CA ASN A 163 -0.72 -5.45 -32.03
C ASN A 163 -1.04 -4.39 -31.01
N MET A 164 -0.10 -4.18 -30.10
CA MET A 164 -0.21 -3.15 -29.09
C MET A 164 -0.31 -1.74 -29.66
N TYR A 165 0.51 -1.40 -30.61
CA TYR A 165 0.50 -0.08 -31.21
C TYR A 165 -0.54 0.16 -32.29
N TYR A 166 -1.10 -0.90 -32.91
CA TYR A 166 -2.17 -0.74 -33.89
C TYR A 166 -3.56 -0.60 -33.28
N HIS A 167 -3.69 -0.89 -31.99
CA HIS A 167 -4.95 -0.77 -31.29
C HIS A 167 -5.05 0.25 -30.17
N TYR A 168 -6.19 0.90 -30.06
CA TYR A 168 -6.47 1.82 -28.96
C TYR A 168 -6.37 1.14 -27.60
N LEU A 169 -7.06 0.03 -27.53
CA LEU A 169 -7.16 -0.76 -26.33
C LEU A 169 -6.59 -2.15 -26.41
N GLY A 170 -6.05 -2.59 -25.30
CA GLY A 170 -5.52 -3.93 -25.21
C GLY A 170 -5.47 -4.42 -23.77
N ARG A 171 -5.66 -5.71 -23.56
CA ARG A 171 -5.48 -6.28 -22.25
C ARG A 171 -4.81 -7.62 -22.34
N SER A 172 -4.10 -7.91 -21.28
CA SER A 172 -3.26 -9.09 -21.19
C SER A 172 -2.82 -9.45 -19.80
N GLY A 173 -2.71 -10.73 -19.58
CA GLY A 173 -2.08 -11.20 -18.36
C GLY A 173 -0.66 -11.61 -18.68
N TYR A 174 0.12 -12.15 -17.76
CA TYR A 174 1.50 -12.52 -18.03
C TYR A 174 2.00 -13.73 -17.28
N THR A 175 2.93 -14.43 -17.88
CA THR A 175 3.72 -15.43 -17.17
C THR A 175 5.16 -14.93 -17.17
N VAL A 176 5.63 -14.55 -16.00
CA VAL A 176 7.01 -14.12 -15.80
C VAL A 176 7.90 -15.20 -15.25
N HIS A 177 8.86 -15.61 -16.08
CA HIS A 177 9.82 -16.64 -15.69
C HIS A 177 11.25 -16.12 -15.50
N VAL A 178 11.64 -15.90 -14.25
CA VAL A 178 12.98 -15.41 -13.90
C VAL A 178 13.99 -16.56 -13.78
N GLN A 179 15.02 -16.53 -14.58
CA GLN A 179 16.07 -17.55 -14.63
C GLN A 179 17.41 -17.12 -14.08
N CYS A 180 17.94 -17.81 -13.10
CA CYS A 180 19.21 -17.45 -12.49
C CYS A 180 19.92 -18.58 -11.78
N ASN A 181 20.79 -19.28 -12.46
CA ASN A 181 21.59 -20.33 -11.86
C ASN A 181 23.01 -20.05 -11.41
N ALA A 182 23.44 -20.78 -10.41
CA ALA A 182 24.77 -20.71 -9.85
C ALA A 182 25.31 -22.07 -9.40
N SER A 183 26.42 -22.20 -8.68
CA SER A 183 26.90 -23.47 -8.21
C SER A 183 26.50 -23.76 -6.77
N LYS A 184 26.76 -24.98 -6.28
CA LYS A 184 26.51 -25.32 -4.87
C LYS A 184 27.38 -24.61 -3.87
N PHE A 185 28.39 -23.94 -4.40
CA PHE A 185 29.32 -23.12 -3.63
C PHE A 185 29.07 -21.63 -3.73
N HIS A 186 28.08 -21.26 -4.53
CA HIS A 186 27.65 -19.86 -4.57
C HIS A 186 26.54 -19.64 -3.55
N GLN A 187 26.30 -18.39 -3.18
CA GLN A 187 25.19 -18.09 -2.30
C GLN A 187 24.60 -16.72 -2.55
N GLY A 188 23.34 -16.57 -2.15
CA GLY A 188 22.61 -15.34 -2.40
C GLY A 188 21.12 -15.59 -2.53
N ALA A 189 20.35 -14.53 -2.46
CA ALA A 189 18.91 -14.61 -2.58
C ALA A 189 18.26 -13.42 -3.25
N LEU A 190 17.53 -13.74 -4.30
CA LEU A 190 16.76 -12.76 -5.05
C LEU A 190 15.30 -12.68 -4.69
N GLY A 191 14.83 -11.49 -4.39
CA GLY A 191 13.42 -11.24 -4.15
C GLY A 191 12.72 -10.75 -5.42
N VAL A 192 11.89 -11.58 -6.02
CA VAL A 192 11.15 -11.23 -7.22
C VAL A 192 9.72 -10.78 -6.91
N PHE A 193 9.51 -9.49 -7.03
CA PHE A 193 8.22 -8.87 -6.77
C PHE A 193 7.37 -8.35 -7.92
N ALA A 194 6.14 -8.80 -8.03
CA ALA A 194 5.20 -8.29 -9.01
C ALA A 194 4.22 -7.27 -8.42
N VAL A 195 4.47 -5.99 -8.68
CA VAL A 195 3.67 -4.89 -8.17
C VAL A 195 2.63 -4.29 -9.12
N PRO A 196 1.36 -4.33 -8.75
CA PRO A 196 0.27 -3.68 -9.45
C PRO A 196 0.39 -2.19 -9.43
N GLU A 197 0.15 -1.41 -10.46
CA GLU A 197 0.30 0.05 -10.44
C GLU A 197 1.57 0.56 -9.77
N MET A 198 2.71 -0.02 -10.12
CA MET A 198 3.98 0.32 -9.52
C MET A 198 4.55 1.70 -9.82
N CYS A 199 3.89 2.70 -9.28
CA CYS A 199 4.34 4.07 -9.40
C CYS A 199 5.64 4.28 -8.65
N LEU A 200 6.65 4.75 -9.35
CA LEU A 200 7.95 5.02 -8.75
C LEU A 200 8.26 6.48 -8.52
N ALA A 201 9.04 6.78 -7.49
CA ALA A 201 9.45 8.14 -7.18
C ALA A 201 10.44 8.81 -8.12
N GLY A 202 10.34 10.11 -8.27
CA GLY A 202 11.19 10.86 -9.19
C GLY A 202 12.48 11.46 -8.65
N ASP A 203 13.33 11.99 -9.54
CA ASP A 203 14.61 12.56 -9.18
C ASP A 203 14.57 13.97 -8.61
N SER A 204 13.47 14.66 -8.70
CA SER A 204 13.39 16.04 -8.24
C SER A 204 12.85 16.35 -6.86
N ASN A 205 13.49 17.35 -6.25
CA ASN A 205 13.00 17.89 -5.01
C ASN A 205 12.41 19.29 -5.06
N THR A 206 12.35 19.83 -6.26
CA THR A 206 11.77 21.16 -6.46
C THR A 206 10.38 21.08 -7.09
N THR A 207 10.11 19.98 -7.77
CA THR A 207 8.85 19.75 -8.46
C THR A 207 8.44 18.27 -8.36
N THR A 208 7.16 17.93 -8.36
CA THR A 208 6.72 16.56 -8.23
C THR A 208 6.04 15.93 -9.43
N MET A 209 5.86 14.62 -9.45
CA MET A 209 5.15 13.90 -10.52
C MET A 209 5.60 14.27 -11.92
N HIS A 210 6.89 14.47 -12.08
CA HIS A 210 7.42 15.04 -13.31
C HIS A 210 8.29 14.17 -14.20
N THR A 211 8.45 12.88 -13.89
CA THR A 211 9.21 11.99 -14.75
C THR A 211 8.63 11.88 -16.14
N SER A 212 9.45 12.12 -17.16
CA SER A 212 9.00 12.06 -18.54
C SER A 212 8.55 10.69 -19.04
N TYR A 213 7.55 10.64 -19.92
CA TYR A 213 7.11 9.39 -20.53
C TYR A 213 8.24 8.52 -21.03
N GLN A 214 9.22 9.14 -21.65
CA GLN A 214 10.40 8.47 -22.16
C GLN A 214 11.20 7.77 -21.09
N ASN A 215 11.40 8.47 -19.99
CA ASN A 215 12.16 7.92 -18.88
C ASN A 215 11.44 6.92 -18.03
N ALA A 216 10.14 7.11 -17.93
CA ALA A 216 9.28 6.21 -17.21
C ALA A 216 9.13 4.86 -17.86
N ASN A 217 9.25 4.88 -19.17
CA ASN A 217 9.15 3.70 -20.00
C ASN A 217 10.43 3.26 -20.71
N PRO A 218 11.27 2.51 -20.03
CA PRO A 218 12.56 2.04 -20.51
C PRO A 218 12.57 1.00 -21.60
N GLY A 219 11.41 0.41 -21.83
CA GLY A 219 11.31 -0.76 -22.66
C GLY A 219 12.03 -1.98 -22.08
N GLU A 220 12.35 -2.96 -22.91
CA GLU A 220 13.06 -4.18 -22.50
C GLU A 220 14.32 -3.97 -21.67
N LYS A 221 15.00 -2.91 -22.06
CA LYS A 221 16.25 -2.49 -21.45
C LYS A 221 16.29 -2.64 -19.94
N GLY A 222 15.25 -2.12 -19.32
CA GLY A 222 15.18 -2.30 -17.93
C GLY A 222 14.86 -1.13 -17.04
N GLY A 223 15.87 -0.47 -16.52
CA GLY A 223 15.64 0.42 -15.41
C GLY A 223 16.17 -0.25 -14.13
N THR A 224 16.83 0.51 -13.27
CA THR A 224 17.54 -0.05 -12.12
C THR A 224 17.35 0.63 -10.76
N PHE A 225 17.50 -0.07 -9.65
CA PHE A 225 17.42 0.54 -8.32
C PHE A 225 18.71 1.11 -7.75
N THR A 226 18.61 2.07 -6.85
CA THR A 226 19.78 2.67 -6.20
C THR A 226 19.80 2.64 -4.68
N GLY A 227 20.97 2.67 -4.07
CA GLY A 227 21.09 2.66 -2.62
C GLY A 227 20.85 4.02 -1.95
N THR A 228 20.89 5.09 -2.71
CA THR A 228 20.71 6.44 -2.17
C THR A 228 20.06 7.47 -3.05
N PHE A 229 19.25 8.32 -2.43
CA PHE A 229 18.56 9.37 -3.16
C PHE A 229 19.42 10.53 -3.61
N THR A 230 19.50 10.74 -4.91
CA THR A 230 20.28 11.87 -5.43
C THR A 230 19.46 12.87 -6.21
N PRO A 231 18.95 13.88 -5.56
CA PRO A 231 18.11 14.92 -6.13
C PRO A 231 18.67 15.57 -7.39
N ASP A 232 17.98 15.50 -8.53
CA ASP A 232 18.37 16.24 -9.72
C ASP A 232 18.31 17.74 -9.48
N ASN A 233 19.46 18.28 -9.13
CA ASN A 233 19.58 19.72 -8.91
C ASN A 233 19.65 20.62 -10.15
N ASN A 234 19.77 20.04 -11.36
CA ASN A 234 19.81 20.92 -12.52
C ASN A 234 18.48 21.58 -12.94
N GLN A 235 18.12 22.55 -12.10
CA GLN A 235 16.99 23.45 -12.33
C GLN A 235 16.50 23.80 -13.74
N THR A 236 17.45 24.39 -14.48
CA THR A 236 17.15 24.90 -15.83
C THR A 236 16.82 23.80 -16.83
N SER A 237 17.65 22.74 -16.82
CA SER A 237 17.45 21.65 -17.78
C SER A 237 17.29 20.25 -17.14
N PRO A 238 16.12 20.02 -16.54
CA PRO A 238 15.80 18.88 -15.72
C PRO A 238 15.94 17.47 -16.28
N ALA A 239 16.59 16.55 -15.57
CA ALA A 239 16.71 15.16 -15.98
C ALA A 239 15.41 14.41 -16.16
N ARG A 240 14.41 14.88 -15.39
CA ARG A 240 13.05 14.37 -15.50
C ARG A 240 12.92 12.86 -15.46
N ARG A 241 13.63 12.26 -14.53
CA ARG A 241 13.55 10.83 -14.38
C ARG A 241 13.48 10.24 -12.97
N PHE A 242 13.17 8.96 -12.85
CA PHE A 242 13.03 8.32 -11.55
C PHE A 242 14.29 8.19 -10.73
N CYS A 243 14.15 8.20 -9.41
CA CYS A 243 15.28 7.88 -8.56
C CYS A 243 14.88 6.87 -7.51
N PRO A 244 14.87 5.59 -7.86
CA PRO A 244 14.31 4.53 -7.04
C PRO A 244 15.18 3.98 -5.93
N VAL A 245 15.01 4.38 -4.68
CA VAL A 245 15.82 3.85 -3.59
C VAL A 245 15.42 2.44 -3.16
N ASP A 246 16.35 1.51 -3.23
CA ASP A 246 16.10 0.11 -2.90
C ASP A 246 15.34 -0.21 -1.63
N TYR A 247 15.81 0.21 -0.45
CA TYR A 247 15.12 -0.11 0.79
C TYR A 247 13.75 0.54 0.93
N LEU A 248 13.39 1.43 0.03
CA LEU A 248 12.09 2.06 0.00
C LEU A 248 11.24 1.65 -1.19
N LEU A 249 11.59 0.52 -1.81
CA LEU A 249 10.98 -0.02 -3.01
C LEU A 249 10.77 1.00 -4.12
N GLY A 250 11.61 2.02 -4.14
CA GLY A 250 11.49 3.14 -5.06
C GLY A 250 10.17 3.88 -4.96
N ASN A 251 9.37 3.66 -3.92
CA ASN A 251 8.08 4.30 -3.80
C ASN A 251 7.66 4.81 -2.43
N GLY A 252 8.59 4.92 -1.49
CA GLY A 252 8.26 5.49 -0.20
C GLY A 252 7.77 4.52 0.87
N THR A 253 7.82 3.24 0.52
CA THR A 253 7.43 2.18 1.43
C THR A 253 8.59 1.25 1.74
N LEU A 254 8.64 0.58 2.88
CA LEU A 254 9.79 -0.26 3.21
C LEU A 254 9.87 -1.58 2.49
N LEU A 255 11.01 -1.86 1.86
CA LEU A 255 11.23 -3.11 1.11
C LEU A 255 10.84 -4.37 1.88
N GLY A 256 11.12 -4.41 3.16
CA GLY A 256 10.79 -5.56 3.97
C GLY A 256 9.33 -5.97 3.92
N ASN A 257 8.47 -5.02 3.63
CA ASN A 257 7.06 -5.26 3.46
C ASN A 257 6.59 -5.53 2.04
N ALA A 258 7.48 -5.46 1.06
CA ALA A 258 7.14 -5.71 -0.34
C ALA A 258 6.51 -7.09 -0.58
N PHE A 259 6.65 -7.98 0.38
CA PHE A 259 6.07 -9.29 0.29
C PHE A 259 4.57 -9.33 0.37
N VAL A 260 3.88 -8.25 0.76
CA VAL A 260 2.43 -8.24 0.68
C VAL A 260 1.98 -8.25 -0.80
N PHE A 261 2.91 -7.99 -1.70
CA PHE A 261 2.68 -8.10 -3.14
C PHE A 261 2.98 -9.47 -3.71
N PRO A 262 2.25 -9.97 -4.72
CA PRO A 262 2.54 -11.21 -5.41
C PRO A 262 4.02 -11.36 -5.68
N HIS A 263 4.64 -12.36 -5.11
CA HIS A 263 6.07 -12.52 -5.21
C HIS A 263 6.58 -13.94 -5.16
N GLN A 264 7.90 -14.01 -5.32
CA GLN A 264 8.60 -15.28 -5.23
C GLN A 264 10.08 -15.08 -4.90
N ILE A 265 10.71 -15.98 -4.19
CA ILE A 265 12.12 -15.86 -3.87
C ILE A 265 13.02 -16.88 -4.56
N ILE A 266 14.10 -16.40 -5.14
CA ILE A 266 15.12 -17.30 -5.65
C ILE A 266 16.30 -17.41 -4.70
N ASN A 267 16.29 -18.50 -3.96
CA ASN A 267 17.38 -18.78 -3.05
C ASN A 267 18.39 -19.69 -3.71
N LEU A 268 19.55 -19.15 -4.05
CA LEU A 268 20.56 -19.90 -4.80
C LEU A 268 20.89 -21.30 -4.30
N ARG A 269 20.76 -21.46 -3.01
CA ARG A 269 20.89 -22.72 -2.29
C ARG A 269 19.88 -23.80 -2.68
N THR A 270 18.63 -23.40 -2.84
CA THR A 270 17.53 -24.30 -3.13
C THR A 270 16.96 -24.27 -4.52
N ASN A 271 16.92 -23.13 -5.19
CA ASN A 271 16.34 -23.07 -6.53
C ASN A 271 16.94 -22.06 -7.47
N ASN A 272 16.97 -22.36 -8.76
CA ASN A 272 17.53 -21.47 -9.76
C ASN A 272 16.58 -20.65 -10.64
N CYS A 273 15.31 -20.73 -10.36
CA CYS A 273 14.33 -20.01 -11.15
C CYS A 273 13.00 -19.83 -10.48
N ALA A 274 12.33 -18.76 -10.85
CA ALA A 274 11.01 -18.40 -10.33
C ALA A 274 9.99 -18.10 -11.40
N THR A 275 8.76 -18.56 -11.20
CA THR A 275 7.69 -18.32 -12.14
C THR A 275 6.46 -17.68 -11.55
N LEU A 276 6.16 -16.49 -12.00
CA LEU A 276 5.01 -15.74 -11.57
C LEU A 276 3.91 -15.65 -12.61
N VAL A 277 2.75 -16.21 -12.33
CA VAL A 277 1.60 -16.08 -13.19
C VAL A 277 0.72 -14.90 -12.79
N LEU A 278 0.77 -13.86 -13.59
CA LEU A 278 0.05 -12.62 -13.37
C LEU A 278 -1.24 -12.40 -14.15
N PRO A 279 -2.35 -12.20 -13.48
CA PRO A 279 -3.62 -11.80 -14.03
C PRO A 279 -3.71 -10.36 -14.52
N TYR A 280 -4.62 -10.00 -15.43
CA TYR A 280 -4.81 -8.58 -15.73
C TYR A 280 -5.45 -7.94 -14.50
N VAL A 281 -4.75 -6.96 -13.95
CA VAL A 281 -5.23 -6.21 -12.81
C VAL A 281 -5.43 -4.76 -13.18
N ASN A 282 -6.59 -4.21 -12.88
CA ASN A 282 -6.86 -2.82 -13.19
C ASN A 282 -8.17 -2.29 -12.65
N SER A 283 -8.39 -0.98 -12.61
CA SER A 283 -9.68 -0.40 -12.27
C SER A 283 -10.69 -0.40 -13.40
N LEU A 284 -10.31 -1.02 -14.52
CA LEU A 284 -11.04 -1.12 -15.79
C LEU A 284 -10.94 -2.48 -16.41
N SER A 285 -11.88 -2.89 -17.26
CA SER A 285 -11.83 -4.19 -17.93
C SER A 285 -10.78 -4.24 -19.01
N ILE A 286 -10.54 -3.10 -19.61
CA ILE A 286 -9.53 -2.94 -20.64
C ILE A 286 -9.10 -1.48 -20.70
N ASP A 287 -7.88 -1.23 -21.15
CA ASP A 287 -7.30 0.11 -21.14
C ASP A 287 -6.29 0.35 -22.26
N SER A 288 -5.72 1.54 -22.32
CA SER A 288 -4.62 1.85 -23.21
C SER A 288 -3.27 1.30 -22.81
N MET A 289 -2.76 0.33 -23.56
CA MET A 289 -1.46 -0.25 -23.24
C MET A 289 -0.30 0.70 -23.40
N VAL A 290 -0.47 1.71 -24.23
CA VAL A 290 0.53 2.71 -24.52
C VAL A 290 0.65 3.78 -23.45
N LYS A 291 -0.47 4.20 -22.87
CA LYS A 291 -0.49 5.23 -21.85
C LYS A 291 -0.25 4.70 -20.46
N HIS A 292 -0.67 3.45 -20.25
CA HIS A 292 -0.65 2.87 -18.93
C HIS A 292 -0.04 1.50 -18.76
N ASN A 293 0.86 1.42 -17.79
CA ASN A 293 1.49 0.16 -17.42
C ASN A 293 0.83 -0.48 -16.21
N ASN A 294 0.35 -1.70 -16.37
CA ASN A 294 -0.38 -2.43 -15.34
C ASN A 294 0.39 -3.05 -14.20
N TRP A 295 1.44 -3.74 -14.56
CA TRP A 295 2.27 -4.44 -13.59
C TRP A 295 3.70 -3.95 -13.61
N GLY A 296 4.36 -4.02 -12.49
CA GLY A 296 5.77 -3.71 -12.37
C GLY A 296 6.54 -4.91 -11.87
N ILE A 297 7.66 -5.28 -12.50
CA ILE A 297 8.48 -6.38 -12.01
C ILE A 297 9.71 -5.82 -11.31
N ALA A 298 9.81 -6.06 -10.03
CA ALA A 298 10.96 -5.66 -9.25
C ALA A 298 11.81 -6.80 -8.72
N ILE A 299 13.08 -6.81 -9.05
CA ILE A 299 14.00 -7.83 -8.59
C ILE A 299 15.10 -7.25 -7.74
N LEU A 300 15.09 -7.59 -6.46
CA LEU A 300 16.10 -7.13 -5.55
C LEU A 300 16.87 -8.15 -4.76
N PRO A 301 18.18 -8.00 -4.59
CA PRO A 301 19.00 -8.88 -3.79
C PRO A 301 18.65 -8.86 -2.31
N LEU A 302 17.83 -9.77 -1.83
CA LEU A 302 17.51 -9.86 -0.41
C LEU A 302 18.75 -10.24 0.38
N ALA A 303 19.51 -11.14 -0.22
CA ALA A 303 20.79 -11.53 0.29
C ALA A 303 21.87 -11.49 -0.80
N PRO A 304 22.94 -10.74 -0.59
CA PRO A 304 23.97 -10.47 -1.58
C PRO A 304 24.71 -11.64 -2.19
N LEU A 305 25.01 -11.55 -3.48
CA LEU A 305 25.73 -12.62 -4.16
C LEU A 305 27.12 -12.82 -3.63
N ASN A 306 27.41 -14.06 -3.37
CA ASN A 306 28.68 -14.47 -2.88
C ASN A 306 29.22 -15.78 -3.37
N PHE A 307 30.50 -15.83 -3.65
CA PHE A 307 31.04 -17.06 -4.19
C PHE A 307 32.37 -17.48 -3.64
N ALA A 308 32.44 -18.77 -3.27
CA ALA A 308 33.66 -19.43 -2.80
C ALA A 308 34.51 -18.45 -2.02
N SER A 309 35.34 -17.73 -2.74
CA SER A 309 36.11 -16.68 -2.10
C SER A 309 36.43 -15.47 -2.99
N GLU A 310 36.00 -15.49 -4.25
CA GLU A 310 36.32 -14.42 -5.18
C GLU A 310 35.83 -13.09 -4.66
N SER A 311 36.73 -12.10 -4.62
CA SER A 311 36.33 -10.77 -4.15
C SER A 311 35.17 -10.19 -4.96
N SER A 312 35.18 -10.47 -6.25
CA SER A 312 34.09 -10.03 -7.11
C SER A 312 33.49 -10.96 -8.19
N PRO A 313 32.51 -11.74 -7.74
CA PRO A 313 31.76 -12.68 -8.55
C PRO A 313 30.70 -12.04 -9.43
N GLU A 314 30.17 -12.84 -10.35
CA GLU A 314 29.04 -12.49 -11.18
C GLU A 314 28.19 -13.66 -11.65
N ILE A 315 26.88 -13.47 -11.69
CA ILE A 315 26.06 -14.44 -12.39
C ILE A 315 24.88 -13.78 -13.07
N PRO A 316 24.49 -14.30 -14.23
CA PRO A 316 23.43 -13.80 -15.07
C PRO A 316 22.02 -14.00 -14.57
N ILE A 317 21.14 -13.07 -14.84
CA ILE A 317 19.73 -13.23 -14.56
C ILE A 317 19.02 -12.99 -15.89
N THR A 318 18.33 -14.01 -16.37
CA THR A 318 17.54 -13.90 -17.59
C THR A 318 16.04 -13.95 -17.36
N LEU A 319 15.35 -12.95 -17.86
CA LEU A 319 13.90 -12.89 -17.85
C LEU A 319 13.18 -13.33 -19.12
N THR A 320 12.41 -14.41 -19.05
CA THR A 320 11.55 -14.78 -20.17
C THR A 320 10.06 -14.55 -19.81
N ILE A 321 9.41 -13.65 -20.52
CA ILE A 321 8.02 -13.28 -20.27
C ILE A 321 7.06 -13.54 -21.43
N ALA A 322 5.89 -14.09 -21.08
CA ALA A 322 4.83 -14.33 -22.03
C ALA A 322 3.48 -13.70 -21.73
N PRO A 323 2.89 -12.90 -22.60
CA PRO A 323 1.55 -12.39 -22.43
C PRO A 323 0.50 -13.47 -22.46
N MET A 324 -0.55 -13.35 -21.66
CA MET A 324 -1.54 -14.41 -21.57
C MET A 324 -2.98 -14.00 -21.73
N CYS A 325 -3.84 -14.93 -22.20
CA CYS A 325 -5.27 -14.70 -22.43
C CYS A 325 -5.42 -13.29 -22.99
N CYS A 326 -4.62 -12.96 -23.99
CA CYS A 326 -4.62 -11.56 -24.38
C CYS A 326 -5.46 -11.13 -25.56
N GLU A 327 -6.01 -9.96 -25.38
CA GLU A 327 -6.83 -9.36 -26.38
C GLU A 327 -6.82 -7.86 -26.60
N PHE A 328 -6.92 -7.51 -27.87
CA PHE A 328 -6.83 -6.15 -28.32
C PHE A 328 -8.09 -5.60 -28.95
N ASN A 329 -8.18 -4.30 -29.05
CA ASN A 329 -9.35 -3.65 -29.57
C ASN A 329 -9.28 -2.18 -29.96
N GLY A 330 -9.99 -1.86 -31.03
CA GLY A 330 -10.02 -0.51 -31.57
C GLY A 330 -8.90 -0.26 -32.56
N LEU A 331 -8.87 -1.10 -33.59
CA LEU A 331 -7.89 -1.04 -34.64
C LEU A 331 -7.92 0.23 -35.47
N ARG A 332 -6.74 0.78 -35.74
CA ARG A 332 -6.60 1.92 -36.62
C ARG A 332 -5.16 2.11 -37.10
N ASN A 333 -4.76 3.27 -37.64
CA ASN A 333 -3.38 3.48 -37.99
C ASN A 333 -2.45 3.35 -36.79
N ILE A 334 -1.21 2.98 -37.05
CA ILE A 334 -0.27 2.72 -35.98
C ILE A 334 0.22 3.86 -35.11
N THR A 335 0.26 3.63 -33.81
CA THR A 335 0.87 4.56 -32.87
C THR A 335 2.37 4.61 -32.96
N LEU A 336 2.90 5.78 -33.30
CA LEU A 336 4.34 6.02 -33.33
C LEU A 336 4.81 6.96 -32.23
N PRO A 337 5.16 6.39 -31.10
CA PRO A 337 5.52 7.11 -29.91
C PRO A 337 6.82 7.86 -30.02
N ARG A 338 6.94 8.94 -29.26
CA ARG A 338 8.18 9.66 -29.17
C ARG A 338 8.97 9.09 -27.98
N LEU A 339 9.51 7.90 -28.18
CA LEU A 339 10.31 7.23 -27.15
C LEU A 339 11.76 7.70 -27.02
N GLN A 340 12.26 8.26 -28.13
CA GLN A 340 13.61 8.80 -28.29
C GLN A 340 14.78 7.78 -28.37
N GLN B 68 -17.39 -16.53 24.84
CA GLN B 68 -16.01 -16.88 24.44
C GLN B 68 -15.72 -16.70 22.95
N HIS B 69 -14.44 -16.78 22.46
CA HIS B 69 -14.10 -16.57 21.01
C HIS B 69 -13.94 -15.11 20.58
N ARG B 70 -12.77 -14.69 20.10
CA ARG B 70 -12.58 -13.31 19.66
C ARG B 70 -13.08 -13.00 18.26
N SER B 71 -13.78 -11.90 18.09
CA SER B 71 -14.24 -11.45 16.79
C SER B 71 -13.29 -10.50 16.07
N ARG B 72 -13.16 -10.62 14.75
CA ARG B 72 -12.35 -9.68 13.97
C ARG B 72 -13.13 -8.50 13.38
N SER B 73 -14.33 -8.27 13.86
CA SER B 73 -15.21 -7.22 13.37
C SER B 73 -14.70 -5.81 13.32
N GLU B 74 -14.05 -5.30 14.36
CA GLU B 74 -13.55 -3.95 14.33
C GLU B 74 -12.39 -3.74 13.37
N SER B 75 -11.89 -4.81 12.78
CA SER B 75 -10.84 -4.69 11.79
C SER B 75 -11.28 -5.04 10.38
N SER B 76 -12.57 -5.17 10.22
CA SER B 76 -13.16 -5.31 8.90
C SER B 76 -12.89 -4.05 8.08
N ILE B 77 -12.84 -4.07 6.75
CA ILE B 77 -12.57 -2.86 5.99
C ILE B 77 -13.53 -1.73 6.33
N GLU B 78 -14.84 -1.98 6.49
CA GLU B 78 -15.73 -0.92 6.94
C GLU B 78 -15.40 -0.35 8.28
N SER B 79 -15.23 -1.20 9.29
CA SER B 79 -14.91 -0.74 10.62
C SER B 79 -13.63 0.06 10.63
N PHE B 80 -12.64 -0.35 9.86
CA PHE B 80 -11.39 0.36 9.73
C PHE B 80 -11.53 1.79 9.24
N PHE B 81 -12.43 2.02 8.31
CA PHE B 81 -12.67 3.35 7.77
C PHE B 81 -13.89 4.07 8.32
N ALA B 82 -14.65 3.43 9.18
CA ALA B 82 -15.87 3.92 9.78
C ALA B 82 -15.75 5.14 10.69
N ARG B 83 -15.08 6.15 10.20
CA ARG B 83 -14.77 7.37 10.88
C ARG B 83 -14.67 8.56 9.93
N GLY B 84 -15.14 9.71 10.36
CA GLY B 84 -15.02 10.93 9.61
C GLY B 84 -13.63 11.54 9.79
N ALA B 85 -12.92 11.77 8.71
CA ALA B 85 -11.59 12.36 8.78
C ALA B 85 -11.42 13.70 8.12
N CYS B 86 -10.74 14.66 8.73
CA CYS B 86 -10.56 15.97 8.11
C CYS B 86 -9.76 15.89 6.83
N VAL B 87 -10.39 16.15 5.69
CA VAL B 87 -9.71 16.15 4.42
C VAL B 87 -9.30 17.55 3.96
N THR B 88 -9.85 18.59 4.57
CA THR B 88 -9.52 19.97 4.27
C THR B 88 -10.14 21.05 5.14
N ILE B 89 -9.49 22.21 5.21
CA ILE B 89 -10.03 23.37 5.88
C ILE B 89 -10.20 24.55 4.93
N MET B 90 -11.43 24.94 4.62
CA MET B 90 -11.69 26.09 3.76
C MET B 90 -11.92 27.39 4.51
N THR B 91 -11.32 28.46 4.03
CA THR B 91 -11.48 29.79 4.62
C THR B 91 -12.25 30.76 3.76
N VAL B 92 -13.27 31.33 4.35
CA VAL B 92 -14.02 32.39 3.71
C VAL B 92 -14.21 33.57 4.65
N ASP B 93 -14.70 34.68 4.14
CA ASP B 93 -15.04 35.78 5.01
C ASP B 93 -16.18 36.69 4.55
N ASN B 94 -16.55 37.63 5.40
CA ASN B 94 -17.49 38.65 5.01
C ASN B 94 -17.12 40.05 5.55
N PRO B 95 -16.47 40.82 4.70
CA PRO B 95 -15.85 42.10 5.02
C PRO B 95 -16.79 43.33 5.02
N ALA B 96 -16.28 44.48 5.48
CA ALA B 96 -17.04 45.72 5.38
C ALA B 96 -17.13 46.21 3.94
N SER B 97 -18.33 46.51 3.45
CA SER B 97 -18.52 46.94 2.04
C SER B 97 -17.54 47.97 1.49
N THR B 98 -17.21 48.91 2.39
CA THR B 98 -16.24 49.95 2.08
C THR B 98 -14.94 49.36 1.48
N THR B 99 -14.31 48.44 2.21
CA THR B 99 -13.05 47.81 1.86
C THR B 99 -12.52 47.80 0.44
N ASN B 100 -11.28 48.29 0.25
CA ASN B 100 -10.62 48.17 -1.06
C ASN B 100 -10.38 46.70 -1.52
N LYS B 101 -10.08 45.75 -0.64
CA LYS B 101 -9.96 44.32 -1.02
C LYS B 101 -11.27 43.48 -1.17
N ASP B 102 -11.32 42.60 -2.18
CA ASP B 102 -12.49 41.72 -2.41
C ASP B 102 -13.06 40.81 -1.31
N LYS B 103 -14.37 40.56 -1.29
CA LYS B 103 -14.94 39.58 -0.33
C LYS B 103 -14.43 38.19 -0.63
N LEU B 104 -13.88 37.56 0.38
CA LEU B 104 -13.33 36.22 0.22
C LEU B 104 -14.21 34.99 0.19
N PHE B 105 -14.25 34.35 -0.97
CA PHE B 105 -14.93 33.06 -1.07
C PHE B 105 -13.99 31.92 -1.39
N ALA B 106 -14.23 30.75 -0.84
CA ALA B 106 -13.38 29.61 -1.04
C ALA B 106 -13.65 28.70 -2.23
N VAL B 107 -12.58 28.26 -2.88
CA VAL B 107 -12.67 27.28 -3.97
C VAL B 107 -11.68 26.14 -3.72
N TRP B 108 -12.16 25.01 -3.28
CA TRP B 108 -11.34 23.83 -3.04
C TRP B 108 -11.53 22.73 -4.05
N LYS B 109 -10.44 22.22 -4.53
CA LYS B 109 -10.42 21.08 -5.41
C LYS B 109 -10.48 19.74 -4.66
N ILE B 110 -11.60 19.06 -4.75
CA ILE B 110 -11.82 17.84 -3.99
C ILE B 110 -10.77 16.75 -4.12
N THR B 111 -10.25 16.33 -2.98
CA THR B 111 -9.22 15.30 -2.92
C THR B 111 -9.04 14.71 -1.53
N TYR B 112 -8.47 13.50 -1.43
CA TYR B 112 -8.16 12.97 -0.12
C TYR B 112 -6.70 13.18 0.27
N LYS B 113 -5.97 13.85 -0.60
CA LYS B 113 -4.54 14.04 -0.43
C LYS B 113 -3.99 15.29 0.21
N ASP B 114 -4.82 16.26 0.55
CA ASP B 114 -4.32 17.44 1.23
C ASP B 114 -3.94 17.20 2.66
N THR B 115 -4.57 16.26 3.33
CA THR B 115 -4.17 15.87 4.67
C THR B 115 -3.50 14.51 4.64
N VAL B 116 -2.81 14.07 5.67
CA VAL B 116 -2.11 12.78 5.61
C VAL B 116 -2.76 11.51 6.14
N GLN B 117 -3.57 11.60 7.20
CA GLN B 117 -4.08 10.39 7.83
C GLN B 117 -5.03 9.55 7.04
N LEU B 118 -6.17 10.06 6.54
CA LEU B 118 -7.03 9.26 5.70
C LEU B 118 -6.28 8.73 4.49
N ARG B 119 -5.41 9.54 3.90
CA ARG B 119 -4.58 9.15 2.76
C ARG B 119 -3.77 7.90 3.03
N ARG B 120 -2.99 7.87 4.12
CA ARG B 120 -2.19 6.69 4.46
C ARG B 120 -3.03 5.44 4.62
N LYS B 121 -4.20 5.58 5.24
CA LYS B 121 -5.12 4.47 5.41
C LYS B 121 -5.65 3.93 4.09
N LEU B 122 -6.14 4.79 3.21
CA LEU B 122 -6.60 4.39 1.89
C LEU B 122 -5.52 3.75 1.06
N GLU B 123 -4.31 4.27 1.17
CA GLU B 123 -3.19 3.75 0.40
C GLU B 123 -2.63 2.40 0.82
N PHE B 124 -3.22 1.78 1.82
CA PHE B 124 -2.99 0.36 2.12
C PHE B 124 -3.47 -0.51 0.97
N PHE B 125 -4.23 0.10 0.08
CA PHE B 125 -4.88 -0.52 -1.06
C PHE B 125 -4.68 0.17 -2.39
N THR B 126 -4.64 -0.57 -3.50
CA THR B 126 -4.47 0.01 -4.82
C THR B 126 -5.73 0.59 -5.43
N TYR B 127 -6.81 -0.15 -5.28
CA TYR B 127 -8.10 0.24 -5.83
C TYR B 127 -9.19 0.20 -4.78
N SER B 128 -10.11 1.14 -4.81
CA SER B 128 -11.22 1.15 -3.86
C SER B 128 -12.55 1.54 -4.47
N ARG B 129 -13.61 1.15 -3.81
CA ARG B 129 -14.94 1.46 -4.26
C ARG B 129 -15.82 1.78 -3.06
N PHE B 130 -16.39 2.98 -3.01
CA PHE B 130 -17.23 3.37 -1.89
C PHE B 130 -18.20 4.52 -2.04
N ASP B 131 -19.36 4.43 -1.42
CA ASP B 131 -20.24 5.59 -1.28
C ASP B 131 -19.55 6.51 -0.26
N MET B 132 -19.75 7.80 -0.37
CA MET B 132 -19.06 8.72 0.49
C MET B 132 -19.93 9.67 1.31
N GLU B 133 -19.56 9.90 2.56
CA GLU B 133 -20.26 10.84 3.41
C GLU B 133 -19.46 12.06 3.86
N LEU B 134 -19.89 13.24 3.43
CA LEU B 134 -19.24 14.47 3.83
C LEU B 134 -19.97 15.23 4.92
N THR B 135 -19.24 15.58 5.96
CA THR B 135 -19.77 16.39 7.06
C THR B 135 -19.00 17.68 7.23
N PHE B 136 -19.72 18.77 7.38
CA PHE B 136 -19.15 20.09 7.47
C PHE B 136 -19.21 20.86 8.77
N VAL B 137 -18.06 21.04 9.41
CA VAL B 137 -18.00 21.84 10.62
C VAL B 137 -17.57 23.27 10.37
N VAL B 138 -18.49 24.17 10.62
CA VAL B 138 -18.27 25.59 10.42
C VAL B 138 -18.07 26.41 11.69
N THR B 139 -16.94 27.08 11.77
CA THR B 139 -16.68 27.99 12.86
C THR B 139 -16.34 29.39 12.41
N ALA B 140 -16.75 30.41 13.15
CA ALA B 140 -16.41 31.78 12.79
C ALA B 140 -15.87 32.61 13.93
N ASN B 141 -15.22 33.72 13.59
CA ASN B 141 -14.71 34.64 14.58
C ASN B 141 -14.43 36.07 14.12
N PHE B 142 -14.25 36.93 15.11
CA PHE B 142 -13.94 38.31 14.83
C PHE B 142 -12.47 38.60 14.57
N THR B 143 -12.23 39.38 13.53
CA THR B 143 -10.87 39.73 13.07
C THR B 143 -10.29 40.94 13.81
N GLU B 144 -11.03 42.06 13.78
CA GLU B 144 -10.56 43.28 14.44
C GLU B 144 -11.06 43.64 15.83
N THR B 145 -10.31 44.50 16.54
CA THR B 145 -10.68 44.96 17.90
C THR B 145 -12.08 45.55 17.95
N ASN B 146 -12.36 46.34 16.90
CA ASN B 146 -13.72 46.79 16.63
C ASN B 146 -14.84 46.97 17.63
N ASN B 147 -15.20 45.90 18.35
CA ASN B 147 -16.27 45.96 19.34
C ASN B 147 -17.69 45.97 18.74
N GLY B 148 -17.79 46.16 17.43
CA GLY B 148 -19.09 46.07 16.73
C GLY B 148 -19.58 44.63 16.51
N HIS B 149 -20.78 44.39 15.97
CA HIS B 149 -21.22 43.01 15.75
C HIS B 149 -21.82 42.59 14.41
N ALA B 150 -22.14 41.30 14.30
CA ALA B 150 -22.72 40.75 13.10
C ALA B 150 -23.86 39.77 13.34
N LEU B 151 -24.91 39.86 12.54
CA LEU B 151 -26.01 38.92 12.65
C LEU B 151 -25.62 37.54 12.10
N ASN B 152 -26.34 36.51 12.49
CA ASN B 152 -26.02 35.15 12.11
C ASN B 152 -25.77 34.89 10.65
N GLN B 153 -24.68 34.22 10.35
CA GLN B 153 -24.34 33.92 8.99
C GLN B 153 -24.88 32.67 8.36
N VAL B 154 -25.24 32.82 7.09
CA VAL B 154 -25.64 31.67 6.31
C VAL B 154 -24.62 31.39 5.22
N TYR B 155 -24.15 30.17 5.16
CA TYR B 155 -23.16 29.73 4.20
C TYR B 155 -23.74 28.96 3.04
N GLN B 156 -23.16 29.14 1.87
CA GLN B 156 -23.54 28.35 0.71
C GLN B 156 -22.37 27.50 0.22
N ILE B 157 -22.54 26.19 0.33
CA ILE B 157 -21.59 25.21 -0.13
C ILE B 157 -22.02 24.62 -1.46
N MET B 158 -21.50 25.17 -2.53
CA MET B 158 -21.80 24.67 -3.86
C MET B 158 -20.79 23.68 -4.44
N TYR B 159 -21.31 22.59 -4.98
CA TYR B 159 -20.49 21.64 -5.69
C TYR B 159 -20.42 21.95 -7.17
N VAL B 160 -19.26 22.29 -7.70
CA VAL B 160 -19.05 22.57 -9.10
C VAL B 160 -18.36 21.42 -9.82
N PRO B 161 -19.12 20.57 -10.49
CA PRO B 161 -18.60 19.41 -11.20
C PRO B 161 -17.77 19.76 -12.43
N PRO B 162 -16.78 18.96 -12.82
CA PRO B 162 -15.90 19.26 -13.92
C PRO B 162 -16.64 19.63 -15.19
N GLY B 163 -16.57 20.88 -15.59
CA GLY B 163 -17.28 21.33 -16.76
C GLY B 163 -18.10 22.57 -16.51
N ALA B 164 -18.72 22.59 -15.35
CA ALA B 164 -19.52 23.70 -14.91
C ALA B 164 -18.79 25.01 -14.64
N PRO B 165 -19.44 26.16 -14.80
CA PRO B 165 -18.86 27.46 -14.50
C PRO B 165 -18.35 27.65 -13.09
N VAL B 166 -17.06 27.85 -12.92
CA VAL B 166 -16.51 28.13 -11.60
C VAL B 166 -16.73 29.59 -11.23
N PRO B 167 -17.25 29.85 -10.04
CA PRO B 167 -17.41 31.19 -9.55
C PRO B 167 -16.15 32.04 -9.50
N GLU B 168 -16.29 33.26 -10.00
CA GLU B 168 -15.23 34.26 -9.88
C GLU B 168 -15.44 35.31 -8.83
N LYS B 169 -16.67 35.37 -8.32
CA LYS B 169 -17.04 36.33 -7.28
C LYS B 169 -18.09 35.86 -6.32
N TRP B 170 -17.98 36.21 -5.04
CA TRP B 170 -18.99 35.88 -4.04
C TRP B 170 -20.43 36.13 -4.54
N ASP B 171 -20.49 37.20 -5.33
CA ASP B 171 -21.62 37.75 -6.03
C ASP B 171 -22.26 37.08 -7.24
N ASP B 172 -21.49 36.41 -8.09
CA ASP B 172 -21.96 36.13 -9.42
C ASP B 172 -23.09 35.15 -9.74
N TYR B 173 -23.41 35.03 -11.03
CA TYR B 173 -24.52 34.18 -11.44
C TYR B 173 -24.36 32.71 -11.15
N THR B 174 -23.13 32.21 -11.11
CA THR B 174 -22.92 30.79 -10.86
C THR B 174 -23.62 30.32 -9.60
N TRP B 175 -23.71 31.15 -8.58
CA TRP B 175 -24.37 30.79 -7.34
C TRP B 175 -25.87 30.59 -7.42
N GLN B 176 -26.52 30.95 -8.53
CA GLN B 176 -27.92 30.63 -8.78
C GLN B 176 -28.19 29.14 -8.61
N THR B 177 -27.14 28.35 -8.87
CA THR B 177 -27.10 26.91 -8.67
C THR B 177 -28.28 26.11 -9.18
N SER B 178 -28.75 26.41 -10.38
CA SER B 178 -29.93 25.72 -10.90
C SER B 178 -29.80 24.23 -11.08
N SER B 179 -28.64 23.77 -11.51
CA SER B 179 -28.44 22.34 -11.71
C SER B 179 -27.42 21.72 -10.78
N ASN B 180 -26.47 22.49 -10.31
CA ASN B 180 -25.49 22.05 -9.33
C ASN B 180 -26.07 21.85 -7.93
N PRO B 181 -25.58 20.92 -7.15
CA PRO B 181 -26.01 20.73 -5.77
C PRO B 181 -25.44 21.77 -4.83
N SER B 182 -26.29 22.49 -4.11
CA SER B 182 -25.80 23.38 -3.09
C SER B 182 -26.33 23.13 -1.69
N ILE B 183 -25.51 23.38 -0.69
CA ILE B 183 -25.94 23.30 0.70
C ILE B 183 -25.97 24.66 1.35
N PHE B 184 -27.15 25.08 1.76
CA PHE B 184 -27.27 26.29 2.54
C PHE B 184 -27.27 26.03 4.04
N TYR B 185 -26.12 26.31 4.62
CA TYR B 185 -25.92 26.12 6.03
C TYR B 185 -26.10 27.33 6.94
N THR B 186 -26.86 27.12 7.99
CA THR B 186 -27.08 28.16 8.98
C THR B 186 -26.16 28.06 10.17
N TYR B 187 -25.32 29.06 10.37
CA TYR B 187 -24.38 29.09 11.47
C TYR B 187 -24.99 28.76 12.83
N GLY B 188 -24.31 27.96 13.61
CA GLY B 188 -24.80 27.62 14.94
C GLY B 188 -25.64 26.37 14.99
N THR B 189 -26.00 25.85 13.83
CA THR B 189 -26.79 24.64 13.79
C THR B 189 -25.96 23.38 13.63
N ALA B 190 -26.49 22.20 13.94
CA ALA B 190 -25.79 20.95 13.77
C ALA B 190 -24.99 20.87 12.49
N PRO B 191 -23.72 20.48 12.51
CA PRO B 191 -22.93 20.39 11.30
C PRO B 191 -23.63 19.78 10.10
N ALA B 192 -23.48 20.42 8.96
CA ALA B 192 -24.11 19.95 7.72
C ALA B 192 -23.62 18.61 7.22
N ARG B 193 -24.46 17.84 6.55
CA ARG B 193 -24.08 16.53 6.07
C ARG B 193 -24.84 15.99 4.87
N ILE B 194 -24.11 15.47 3.91
CA ILE B 194 -24.67 14.81 2.75
C ILE B 194 -23.95 13.51 2.36
N SER B 195 -24.62 12.69 1.58
CA SER B 195 -24.03 11.49 0.99
C SER B 195 -23.92 11.58 -0.52
N VAL B 196 -22.83 11.05 -1.03
CA VAL B 196 -22.49 10.99 -2.45
C VAL B 196 -22.34 9.52 -2.83
N PRO B 197 -22.91 9.04 -3.93
CA PRO B 197 -22.70 7.70 -4.42
C PRO B 197 -21.28 7.42 -4.92
N TYR B 198 -20.96 6.19 -5.33
CA TYR B 198 -19.68 5.97 -5.99
C TYR B 198 -19.70 6.63 -7.36
N VAL B 199 -19.08 7.78 -7.48
CA VAL B 199 -19.12 8.55 -8.72
C VAL B 199 -18.02 8.36 -9.74
N GLY B 200 -17.22 7.31 -9.59
CA GLY B 200 -16.14 7.05 -10.51
C GLY B 200 -16.54 6.74 -11.96
N ILE B 201 -15.74 7.20 -12.92
CA ILE B 201 -15.99 6.87 -14.32
C ILE B 201 -15.40 5.51 -14.71
N SER B 202 -14.54 5.00 -13.86
CA SER B 202 -13.98 3.65 -13.95
C SER B 202 -14.71 2.68 -13.03
N ASN B 203 -14.44 1.38 -13.09
CA ASN B 203 -15.10 0.43 -12.19
C ASN B 203 -14.70 0.50 -10.73
N ALA B 204 -13.61 1.22 -10.48
CA ALA B 204 -13.15 1.49 -9.14
C ALA B 204 -12.27 2.72 -9.04
N TYR B 205 -12.26 3.40 -7.90
CA TYR B 205 -11.36 4.52 -7.71
C TYR B 205 -9.94 3.95 -7.68
N SER B 206 -9.07 4.61 -8.41
CA SER B 206 -7.68 4.20 -8.48
C SER B 206 -6.74 5.02 -7.61
N HIS B 207 -6.25 4.44 -6.52
CA HIS B 207 -5.32 5.09 -5.61
C HIS B 207 -3.92 5.29 -6.17
N PHE B 208 -3.61 4.51 -7.20
CA PHE B 208 -2.35 4.61 -7.91
C PHE B 208 -2.44 4.35 -9.41
N TYR B 209 -1.93 5.23 -10.25
CA TYR B 209 -1.96 5.03 -11.69
C TYR B 209 -0.59 5.09 -12.31
N ASP B 210 0.05 3.94 -12.47
CA ASP B 210 1.34 3.93 -13.17
C ASP B 210 1.23 4.16 -14.67
N GLY B 211 0.95 5.41 -14.98
CA GLY B 211 0.83 5.82 -16.34
C GLY B 211 0.61 7.31 -16.57
N PHE B 212 0.35 7.60 -17.82
CA PHE B 212 0.11 8.94 -18.30
C PHE B 212 -1.23 9.23 -18.93
N SER B 213 -1.57 10.49 -18.76
CA SER B 213 -2.79 11.10 -19.34
C SER B 213 -2.85 11.06 -20.85
N LYS B 214 -1.65 11.20 -21.40
CA LYS B 214 -1.47 11.21 -22.82
C LYS B 214 -0.11 10.74 -23.36
N VAL B 215 -0.15 10.13 -24.52
CA VAL B 215 1.07 9.64 -25.15
C VAL B 215 1.74 10.59 -26.16
N PRO B 216 3.03 10.81 -25.93
CA PRO B 216 3.87 11.64 -26.78
C PRO B 216 4.05 11.06 -28.17
N LEU B 217 3.46 11.65 -29.17
CA LEU B 217 3.71 11.25 -30.54
C LEU B 217 4.86 11.87 -31.28
N LYS B 218 5.80 11.01 -31.64
CA LYS B 218 6.97 11.36 -32.46
C LYS B 218 6.73 12.54 -33.44
N ASP B 219 5.66 12.31 -34.21
CA ASP B 219 5.16 13.30 -35.16
C ASP B 219 4.90 14.69 -34.59
N GLN B 220 3.83 14.82 -33.80
CA GLN B 220 3.53 16.08 -33.11
C GLN B 220 4.74 16.65 -32.29
N SER B 221 4.65 17.91 -31.90
CA SER B 221 5.74 18.51 -31.12
C SER B 221 5.89 18.02 -29.68
N ALA B 222 7.13 18.03 -29.19
CA ALA B 222 7.39 17.64 -27.80
C ALA B 222 6.50 18.20 -26.66
N ALA B 223 6.22 19.50 -26.72
CA ALA B 223 5.37 20.11 -25.69
C ALA B 223 3.93 19.60 -25.63
N LEU B 224 3.33 19.41 -26.80
CA LEU B 224 1.95 18.92 -26.85
C LEU B 224 1.75 17.52 -26.28
N GLY B 225 2.75 16.69 -26.58
CA GLY B 225 2.64 15.32 -26.14
C GLY B 225 2.88 15.13 -24.64
N ASP B 226 3.27 16.17 -23.95
CA ASP B 226 3.60 16.04 -22.56
C ASP B 226 2.51 16.07 -21.51
N SER B 227 2.73 15.34 -20.42
CA SER B 227 1.85 15.28 -19.28
C SER B 227 2.47 14.76 -17.99
N LEU B 228 1.83 15.00 -16.85
CA LEU B 228 2.31 14.54 -15.56
C LEU B 228 2.25 13.06 -15.29
N TYR B 229 3.29 12.54 -14.65
CA TYR B 229 3.34 11.14 -14.30
C TYR B 229 2.38 10.74 -13.19
N GLY B 230 1.58 9.71 -13.42
CA GLY B 230 0.70 9.21 -12.38
C GLY B 230 -0.64 9.91 -12.31
N ALA B 231 -0.86 10.86 -13.19
CA ALA B 231 -2.11 11.60 -13.21
C ALA B 231 -3.05 11.28 -14.35
N ALA B 232 -4.33 11.05 -14.07
CA ALA B 232 -5.33 10.79 -15.10
C ALA B 232 -6.03 12.04 -15.64
N SER B 233 -7.16 12.47 -15.09
CA SER B 233 -7.83 13.68 -15.61
C SER B 233 -7.34 14.95 -14.95
N LEU B 234 -7.16 16.06 -15.68
CA LEU B 234 -6.83 17.34 -15.03
C LEU B 234 -7.82 17.71 -13.93
N ASN B 235 -9.05 17.17 -14.13
CA ASN B 235 -10.11 17.35 -13.16
C ASN B 235 -11.00 16.16 -12.80
N ASP B 236 -10.55 15.27 -11.94
CA ASP B 236 -11.37 14.13 -11.53
C ASP B 236 -12.76 14.39 -11.01
N PHE B 237 -12.84 15.07 -9.87
CA PHE B 237 -14.11 15.23 -9.16
C PHE B 237 -14.67 16.63 -9.04
N GLY B 238 -14.11 17.57 -9.78
CA GLY B 238 -14.55 18.94 -9.64
C GLY B 238 -14.21 19.60 -8.30
N ILE B 239 -14.95 20.66 -7.95
CA ILE B 239 -14.63 21.45 -6.78
C ILE B 239 -15.76 21.90 -5.86
N LEU B 240 -15.39 22.18 -4.61
CA LEU B 240 -16.31 22.81 -3.69
C LEU B 240 -16.08 24.30 -3.62
N ALA B 241 -17.09 25.06 -3.94
CA ALA B 241 -17.07 26.49 -3.82
C ALA B 241 -17.89 26.94 -2.62
N VAL B 242 -17.33 27.72 -1.71
CA VAL B 242 -18.03 28.19 -0.52
C VAL B 242 -18.03 29.70 -0.34
N ARG B 243 -19.18 30.22 0.10
CA ARG B 243 -19.34 31.64 0.36
C ARG B 243 -20.23 32.03 1.52
N VAL B 244 -20.02 33.20 2.10
CA VAL B 244 -20.98 33.73 3.07
C VAL B 244 -22.09 34.45 2.31
N VAL B 245 -23.29 33.90 2.31
CA VAL B 245 -24.40 34.50 1.56
C VAL B 245 -24.76 35.90 2.03
N ASN B 246 -24.63 36.15 3.32
CA ASN B 246 -24.89 37.48 3.86
C ASN B 246 -24.09 38.61 3.21
N ASP B 247 -24.72 39.77 3.08
CA ASP B 247 -24.02 40.92 2.56
C ASP B 247 -22.98 41.52 3.44
N HIS B 248 -22.00 42.20 2.84
CA HIS B 248 -20.95 42.90 3.56
C HIS B 248 -21.44 43.56 4.85
N ASN B 249 -20.72 43.32 5.92
CA ASN B 249 -21.08 43.83 7.22
C ASN B 249 -20.02 44.81 7.72
N PRO B 250 -20.38 45.93 8.31
CA PRO B 250 -19.49 46.97 8.84
C PRO B 250 -18.29 46.42 9.58
N THR B 251 -18.58 45.53 10.51
CA THR B 251 -17.50 44.86 11.22
C THR B 251 -17.28 43.47 10.62
N LYS B 252 -16.03 43.17 10.30
CA LYS B 252 -15.69 41.91 9.66
C LYS B 252 -15.57 40.61 10.44
N VAL B 253 -16.14 39.57 9.82
CA VAL B 253 -16.07 38.22 10.35
C VAL B 253 -15.37 37.24 9.41
N THR B 254 -14.45 36.48 9.95
CA THR B 254 -13.80 35.41 9.18
C THR B 254 -14.29 34.05 9.60
N SER B 255 -14.62 33.21 8.63
CA SER B 255 -15.07 31.86 8.95
C SER B 255 -14.26 30.75 8.34
N LYS B 256 -14.35 29.59 8.95
CA LYS B 256 -13.71 28.39 8.49
C LYS B 256 -14.59 27.16 8.41
N ILE B 257 -14.45 26.48 7.29
CA ILE B 257 -15.19 25.25 7.03
C ILE B 257 -14.30 24.03 7.02
N ARG B 258 -14.56 23.14 7.94
CA ARG B 258 -13.82 21.89 7.99
C ARG B 258 -14.59 20.74 7.39
N VAL B 259 -13.99 20.14 6.38
CA VAL B 259 -14.61 19.03 5.67
C VAL B 259 -14.14 17.67 6.15
N TYR B 260 -15.05 16.95 6.75
CA TYR B 260 -14.77 15.62 7.23
C TYR B 260 -15.32 14.56 6.28
N LEU B 261 -14.46 13.61 5.91
CA LEU B 261 -14.83 12.55 4.98
C LEU B 261 -14.84 11.16 5.53
N LYS B 262 -15.92 10.47 5.31
CA LYS B 262 -16.05 9.08 5.67
C LYS B 262 -16.52 8.17 4.56
N PRO B 263 -15.72 7.18 4.20
CA PRO B 263 -16.14 6.18 3.24
C PRO B 263 -17.12 5.15 3.75
N LYS B 264 -18.30 5.08 3.17
CA LYS B 264 -19.30 4.08 3.52
C LYS B 264 -19.39 3.00 2.48
N HIS B 265 -20.00 1.87 2.79
CA HIS B 265 -20.25 0.78 1.83
C HIS B 265 -19.03 0.45 1.00
N ILE B 266 -17.87 0.34 1.64
CA ILE B 266 -16.58 0.22 0.97
C ILE B 266 -16.02 -1.15 0.63
N ARG B 267 -15.39 -1.20 -0.53
CA ARG B 267 -14.63 -2.34 -0.98
C ARG B 267 -13.25 -1.96 -1.46
N VAL B 268 -12.29 -2.80 -1.17
CA VAL B 268 -10.91 -2.54 -1.54
C VAL B 268 -10.19 -3.72 -2.16
N TRP B 269 -9.34 -3.43 -3.12
CA TRP B 269 -8.54 -4.47 -3.79
C TRP B 269 -7.06 -4.19 -3.81
N CYS B 270 -6.26 -5.21 -4.12
CA CYS B 270 -4.82 -5.16 -4.27
C CYS B 270 -4.04 -4.35 -3.23
N PRO B 271 -3.74 -4.99 -2.11
CA PRO B 271 -3.06 -4.43 -0.96
C PRO B 271 -1.63 -3.93 -1.17
N ARG B 272 -1.22 -2.98 -0.36
CA ARG B 272 0.09 -2.38 -0.45
C ARG B 272 0.65 -2.10 0.94
N PRO B 273 1.97 -2.04 1.08
CA PRO B 273 2.62 -1.59 2.28
C PRO B 273 2.37 -0.13 2.59
N PRO B 274 2.20 0.21 3.85
CA PRO B 274 1.95 1.55 4.29
C PRO B 274 3.08 2.54 3.97
N ARG B 275 2.75 3.81 3.78
CA ARG B 275 3.74 4.83 3.52
C ARG B 275 4.71 4.96 4.68
N ALA B 276 5.97 4.68 4.44
CA ALA B 276 6.98 4.72 5.49
C ALA B 276 7.72 6.02 5.68
N VAL B 277 7.75 6.85 4.66
CA VAL B 277 8.40 8.14 4.74
C VAL B 277 7.43 9.26 4.43
N ALA B 278 7.65 10.46 4.95
CA ALA B 278 6.81 11.61 4.68
C ALA B 278 6.32 11.82 3.28
N TYR B 279 5.03 12.07 3.15
CA TYR B 279 4.49 12.37 1.85
C TYR B 279 5.09 13.65 1.29
N TYR B 280 5.19 13.73 -0.01
CA TYR B 280 5.78 14.86 -0.72
C TYR B 280 5.02 15.07 -2.01
N GLY B 281 3.89 15.71 -1.82
CA GLY B 281 2.98 15.98 -2.91
C GLY B 281 1.95 14.88 -3.17
N PRO B 282 1.17 15.02 -4.23
CA PRO B 282 0.08 14.11 -4.63
C PRO B 282 0.52 12.74 -5.14
N GLY B 283 1.80 12.66 -5.46
CA GLY B 283 2.36 11.43 -5.97
C GLY B 283 3.12 10.60 -4.96
N VAL B 284 3.89 9.62 -5.42
CA VAL B 284 4.68 8.79 -4.53
C VAL B 284 6.03 9.36 -4.13
N ASP B 285 6.36 10.53 -4.65
CA ASP B 285 7.64 11.15 -4.42
C ASP B 285 8.10 11.41 -3.02
N TYR B 286 9.37 11.30 -2.81
CA TYR B 286 9.95 11.58 -1.53
C TYR B 286 11.04 12.62 -1.58
N LYS B 287 11.20 13.25 -0.44
CA LYS B 287 12.13 14.35 -0.26
C LYS B 287 13.43 14.00 0.40
N ASP B 288 14.53 14.53 -0.13
CA ASP B 288 15.81 14.34 0.54
C ASP B 288 15.75 14.71 2.00
N GLY B 289 16.44 13.97 2.85
CA GLY B 289 16.42 14.27 4.28
C GLY B 289 15.24 13.71 5.08
N THR B 290 14.26 13.09 4.43
CA THR B 290 13.14 12.44 5.11
C THR B 290 13.15 10.92 5.01
N LEU B 291 14.22 10.40 4.40
CA LEU B 291 14.34 8.99 4.03
C LEU B 291 14.85 8.00 5.04
N THR B 292 15.01 8.38 6.29
CA THR B 292 15.54 7.45 7.31
C THR B 292 14.67 7.24 8.55
N PRO B 293 13.50 6.66 8.35
CA PRO B 293 12.48 6.44 9.35
C PRO B 293 12.91 5.63 10.58
N LEU B 294 13.62 4.54 10.31
CA LEU B 294 13.96 3.62 11.36
C LEU B 294 14.99 4.09 12.35
N SER B 295 14.73 3.64 13.56
CA SER B 295 15.51 3.93 14.74
C SER B 295 16.71 3.04 15.02
N THR B 296 17.71 3.48 15.77
CA THR B 296 18.83 2.59 16.13
C THR B 296 18.48 1.59 17.21
N LYS B 297 18.79 0.32 16.99
CA LYS B 297 18.61 -0.73 17.96
C LYS B 297 19.49 -1.94 17.66
N ASP B 298 20.40 -2.25 18.56
CA ASP B 298 21.35 -3.32 18.33
C ASP B 298 20.79 -4.74 18.35
N LEU B 299 21.28 -5.49 17.37
CA LEU B 299 20.94 -6.88 17.13
C LEU B 299 20.72 -7.85 18.29
N THR B 300 21.60 -7.85 19.26
CA THR B 300 21.53 -8.73 20.42
C THR B 300 21.02 -8.07 21.67
N THR B 301 20.19 -7.06 21.51
CA THR B 301 19.59 -6.31 22.62
C THR B 301 18.09 -6.38 22.65
N TYR B 302 17.49 -6.90 23.71
CA TYR B 302 16.04 -6.97 23.80
C TYR B 302 15.37 -5.60 23.87
N GLY C 1 -48.72 18.10 14.50
CA GLY C 1 -47.38 18.04 15.11
C GLY C 1 -47.14 16.93 16.14
N LEU C 2 -46.51 15.80 15.82
CA LEU C 2 -46.23 14.75 16.80
C LEU C 2 -45.32 15.23 17.91
N PRO C 3 -45.79 15.19 19.15
CA PRO C 3 -45.07 15.72 20.28
C PRO C 3 -43.78 15.00 20.61
N VAL C 4 -42.66 15.70 20.48
CA VAL C 4 -41.34 15.16 20.74
C VAL C 4 -40.52 15.86 21.80
N MET C 5 -39.52 15.19 22.35
CA MET C 5 -38.65 15.80 23.32
C MET C 5 -37.18 15.47 23.10
N ASN C 6 -36.39 16.50 22.88
CA ASN C 6 -34.97 16.31 22.63
C ASN C 6 -34.14 15.84 23.79
N THR C 7 -33.35 14.82 23.49
CA THR C 7 -32.48 14.23 24.49
C THR C 7 -31.04 14.69 24.40
N PRO C 8 -30.21 14.58 25.45
CA PRO C 8 -28.80 14.85 25.35
C PRO C 8 -28.13 14.10 24.20
N GLY C 9 -27.20 14.76 23.53
CA GLY C 9 -26.59 14.23 22.31
C GLY C 9 -27.07 14.94 21.07
N SER C 10 -28.27 15.51 21.17
CA SER C 10 -28.88 16.29 20.09
C SER C 10 -28.03 17.33 19.46
N ASN C 11 -27.96 17.36 18.13
CA ASN C 11 -27.18 18.31 17.34
C ASN C 11 -25.68 18.11 17.36
N GLN C 12 -25.19 17.10 18.04
CA GLN C 12 -23.77 16.84 18.10
C GLN C 12 -23.20 16.11 16.91
N TYR C 13 -21.91 16.30 16.68
CA TYR C 13 -21.29 15.51 15.66
C TYR C 13 -20.20 14.59 16.16
N LEU C 14 -20.60 13.34 16.32
CA LEU C 14 -19.64 12.29 16.64
C LEU C 14 -19.04 11.67 15.38
N THR C 15 -17.73 11.83 15.20
CA THR C 15 -17.05 11.33 14.02
C THR C 15 -17.15 9.83 13.80
N ALA C 16 -17.48 9.07 14.82
CA ALA C 16 -17.71 7.64 14.73
C ALA C 16 -19.18 7.23 14.63
N ASP C 17 -20.06 8.19 14.40
CA ASP C 17 -21.46 7.87 14.28
C ASP C 17 -21.79 7.10 13.00
N ASN C 18 -22.98 6.54 12.98
CA ASN C 18 -23.46 5.81 11.83
C ASN C 18 -24.91 6.07 11.47
N PHE C 19 -25.16 7.22 10.87
CA PHE C 19 -26.50 7.58 10.46
C PHE C 19 -26.74 7.78 8.97
N GLN C 20 -28.00 7.80 8.55
CA GLN C 20 -28.33 8.12 7.18
C GLN C 20 -28.24 9.61 6.90
N SER C 21 -28.04 10.00 5.66
CA SER C 21 -28.03 11.40 5.29
C SER C 21 -28.51 11.55 3.88
N PRO C 22 -29.09 12.68 3.50
CA PRO C 22 -29.56 12.92 2.16
C PRO C 22 -28.51 12.83 1.07
N CYS C 23 -28.86 12.27 -0.08
CA CYS C 23 -27.97 12.19 -1.22
C CYS C 23 -27.89 13.44 -2.09
N ALA C 24 -26.70 13.98 -2.30
CA ALA C 24 -26.51 15.18 -3.12
C ALA C 24 -26.63 14.97 -4.61
N LEU C 25 -26.51 13.72 -5.05
CA LEU C 25 -26.63 13.38 -6.46
C LEU C 25 -27.67 12.30 -6.72
N PRO C 26 -28.93 12.69 -6.59
CA PRO C 26 -30.08 11.83 -6.71
C PRO C 26 -30.20 11.07 -7.99
N GLU C 27 -30.71 9.85 -7.98
CA GLU C 27 -30.85 9.01 -9.16
C GLU C 27 -29.61 8.68 -9.96
N PHE C 28 -28.44 9.06 -9.46
CA PHE C 28 -27.17 8.77 -10.09
C PHE C 28 -26.97 7.29 -10.38
N ASP C 29 -26.79 6.97 -11.65
CA ASP C 29 -26.55 5.59 -12.06
C ASP C 29 -25.12 5.14 -11.95
N VAL C 30 -24.78 4.52 -10.86
CA VAL C 30 -23.46 3.99 -10.60
C VAL C 30 -22.83 3.02 -11.59
N THR C 31 -21.53 3.21 -11.84
CA THR C 31 -20.77 2.22 -12.62
C THR C 31 -20.63 0.93 -11.87
N PRO C 32 -21.08 -0.16 -12.45
CA PRO C 32 -21.00 -1.51 -11.94
C PRO C 32 -19.64 -2.01 -11.51
N PRO C 33 -19.53 -2.89 -10.53
CA PRO C 33 -18.28 -3.48 -10.13
C PRO C 33 -17.73 -4.49 -11.12
N ILE C 34 -16.42 -4.65 -11.26
CA ILE C 34 -15.91 -5.78 -12.00
C ILE C 34 -15.12 -6.68 -11.05
N ASP C 35 -14.89 -7.92 -11.42
CA ASP C 35 -14.16 -8.83 -10.58
C ASP C 35 -12.67 -8.62 -10.52
N ILE C 36 -12.24 -7.54 -9.90
CA ILE C 36 -10.83 -7.26 -9.77
C ILE C 36 -10.15 -8.27 -8.87
N PRO C 37 -9.08 -8.92 -9.33
CA PRO C 37 -8.29 -9.76 -8.47
C PRO C 37 -7.70 -9.09 -7.25
N GLY C 38 -7.58 -9.84 -6.17
CA GLY C 38 -6.93 -9.35 -4.98
C GLY C 38 -7.74 -8.53 -3.97
N GLU C 39 -9.02 -8.82 -3.83
CA GLU C 39 -9.85 -8.14 -2.85
C GLU C 39 -9.56 -8.44 -1.40
N VAL C 40 -9.48 -7.42 -0.58
CA VAL C 40 -9.29 -7.60 0.84
C VAL C 40 -10.55 -7.32 1.62
N LYS C 41 -10.87 -8.22 2.53
CA LYS C 41 -12.03 -8.05 3.41
C LYS C 41 -11.80 -7.70 4.87
N ASN C 42 -10.60 -7.95 5.37
CA ASN C 42 -10.26 -7.60 6.74
C ASN C 42 -8.82 -7.23 6.95
N MET C 43 -8.49 -6.16 7.65
CA MET C 43 -7.10 -5.79 7.88
C MET C 43 -6.24 -6.92 8.46
N MET C 44 -6.87 -7.80 9.22
CA MET C 44 -6.18 -8.96 9.76
C MET C 44 -5.66 -9.91 8.72
N GLU C 45 -6.35 -10.00 7.59
CA GLU C 45 -5.88 -10.74 6.41
C GLU C 45 -4.49 -10.33 5.99
N LEU C 46 -4.24 -9.03 6.12
CA LEU C 46 -2.98 -8.46 5.78
C LEU C 46 -1.92 -8.76 6.82
N ALA C 47 -2.30 -8.62 8.08
CA ALA C 47 -1.43 -8.95 9.20
C ALA C 47 -0.90 -10.38 9.22
N GLU C 48 -1.65 -11.25 8.57
CA GLU C 48 -1.28 -12.64 8.41
C GLU C 48 -0.28 -12.94 7.29
N ILE C 49 0.03 -11.94 6.47
CA ILE C 49 1.04 -12.06 5.45
C ILE C 49 2.42 -11.89 6.04
N ASP C 50 3.30 -12.86 5.84
CA ASP C 50 4.68 -12.77 6.31
C ASP C 50 5.49 -11.64 5.70
N THR C 51 5.91 -10.66 6.49
CA THR C 51 6.82 -9.66 5.98
C THR C 51 8.18 -9.72 6.69
N MET C 52 9.21 -9.20 6.02
CA MET C 52 10.57 -9.32 6.48
C MET C 52 11.05 -8.41 7.60
N ILE C 53 11.68 -8.98 8.62
CA ILE C 53 12.15 -8.26 9.79
C ILE C 53 13.46 -7.51 9.68
N PRO C 54 13.45 -6.21 10.00
CA PRO C 54 14.61 -5.37 10.06
C PRO C 54 15.48 -5.66 11.29
N PHE C 55 15.97 -6.87 11.48
CA PHE C 55 16.74 -7.24 12.68
C PHE C 55 17.92 -6.41 13.12
N ASP C 56 18.80 -6.09 12.19
CA ASP C 56 19.97 -5.33 12.54
C ASP C 56 19.81 -3.84 12.38
N LEU C 57 19.05 -3.22 13.28
CA LEU C 57 18.88 -1.77 13.26
C LEU C 57 20.05 -1.03 13.91
N SER C 58 21.23 -1.58 13.68
CA SER C 58 22.48 -1.00 14.13
C SER C 58 22.72 0.35 13.47
N ALA C 59 23.34 1.25 14.21
CA ALA C 59 23.67 2.59 13.75
C ALA C 59 24.09 2.80 12.32
N THR C 60 25.01 1.95 11.89
CA THR C 60 25.54 2.12 10.55
C THR C 60 24.71 1.41 9.48
N LYS C 61 23.96 0.40 9.87
CA LYS C 61 23.19 -0.29 8.86
C LYS C 61 21.68 -0.16 8.86
N LYS C 62 21.13 0.53 9.84
CA LYS C 62 19.70 0.86 9.79
C LYS C 62 19.39 1.73 8.60
N ASN C 63 18.13 1.78 8.19
CA ASN C 63 17.69 2.52 7.03
C ASN C 63 18.48 2.26 5.75
N THR C 64 18.90 1.01 5.65
CA THR C 64 19.60 0.51 4.47
C THR C 64 19.19 -0.93 4.20
N MET C 65 19.40 -1.49 3.01
CA MET C 65 19.04 -2.87 2.71
C MET C 65 19.70 -3.92 3.59
N GLU C 66 20.70 -3.53 4.35
CA GLU C 66 21.41 -4.35 5.33
C GLU C 66 20.68 -4.70 6.59
N MET C 67 19.83 -3.80 7.10
CA MET C 67 19.12 -4.02 8.34
C MET C 67 18.35 -5.34 8.36
N TYR C 68 18.07 -5.86 7.18
CA TYR C 68 17.36 -7.10 6.99
C TYR C 68 18.20 -8.36 7.07
N ARG C 69 19.51 -8.29 7.02
CA ARG C 69 20.36 -9.47 6.98
C ARG C 69 21.02 -9.85 8.30
N VAL C 70 20.72 -10.99 8.90
CA VAL C 70 21.45 -11.43 10.09
C VAL C 70 22.60 -12.30 9.68
N ARG C 71 23.80 -11.84 9.92
CA ARG C 71 25.01 -12.56 9.54
C ARG C 71 25.51 -13.67 10.45
N LEU C 72 25.78 -14.82 9.87
CA LEU C 72 26.32 -15.98 10.57
C LEU C 72 27.67 -16.40 10.03
N SER C 73 28.38 -17.25 10.78
CA SER C 73 29.63 -17.79 10.29
C SER C 73 30.07 -19.15 10.75
N ASP C 74 31.05 -19.73 10.07
CA ASP C 74 31.55 -21.06 10.40
C ASP C 74 32.38 -21.12 11.67
N LYS C 75 32.32 -20.06 12.43
CA LYS C 75 33.04 -19.97 13.67
C LYS C 75 32.74 -21.02 14.71
N PRO C 76 33.66 -21.24 15.64
CA PRO C 76 33.53 -22.23 16.66
C PRO C 76 32.30 -22.09 17.55
N HIS C 77 31.81 -23.22 18.06
CA HIS C 77 30.61 -23.16 18.88
C HIS C 77 30.66 -22.22 20.06
N THR C 78 29.57 -21.50 20.18
CA THR C 78 29.36 -20.63 21.31
C THR C 78 27.94 -20.64 21.81
N ASP C 79 27.73 -20.42 23.11
CA ASP C 79 26.40 -20.34 23.67
C ASP C 79 25.82 -18.94 23.74
N ASP C 80 26.49 -18.02 23.08
CA ASP C 80 26.00 -16.67 22.98
C ASP C 80 24.99 -16.40 21.89
N PRO C 81 24.07 -15.48 22.08
CA PRO C 81 22.98 -15.19 21.18
C PRO C 81 23.31 -14.70 19.80
N ILE C 82 22.70 -15.25 18.75
CA ILE C 82 22.81 -14.70 17.40
C ILE C 82 21.99 -13.41 17.31
N LEU C 83 20.81 -13.43 17.91
CA LEU C 83 19.95 -12.27 17.98
C LEU C 83 18.96 -12.35 19.14
N CYS C 84 18.75 -11.22 19.77
CA CYS C 84 17.82 -11.10 20.88
C CYS C 84 16.70 -10.13 20.50
N LEU C 85 15.46 -10.49 20.69
CA LEU C 85 14.31 -9.68 20.32
C LEU C 85 13.15 -9.75 21.30
N SER C 86 12.47 -8.65 21.59
CA SER C 86 11.31 -8.66 22.49
C SER C 86 9.95 -8.78 21.86
N LEU C 87 9.06 -9.60 22.42
CA LEU C 87 7.74 -9.77 21.84
C LEU C 87 6.78 -8.61 22.11
N SER C 88 7.10 -7.51 21.45
CA SER C 88 6.33 -6.29 21.49
C SER C 88 6.02 -5.90 20.05
N PRO C 89 5.11 -6.65 19.42
CA PRO C 89 4.84 -6.61 18.00
C PRO C 89 4.64 -5.22 17.42
N ALA C 90 4.03 -4.34 18.19
CA ALA C 90 3.76 -2.98 17.77
C ALA C 90 4.76 -1.93 18.20
N SER C 91 5.44 -2.18 19.31
CA SER C 91 6.37 -1.21 19.88
C SER C 91 7.85 -1.48 19.75
N ASP C 92 8.29 -2.71 19.56
CA ASP C 92 9.69 -2.98 19.36
C ASP C 92 10.16 -2.51 17.99
N PRO C 93 11.21 -1.70 17.94
CA PRO C 93 11.80 -1.14 16.73
C PRO C 93 11.92 -2.07 15.51
N ARG C 94 12.28 -3.29 15.79
CA ARG C 94 12.43 -4.35 14.80
C ARG C 94 11.16 -4.97 14.26
N LEU C 95 10.13 -5.02 15.08
CA LEU C 95 8.82 -5.53 14.69
C LEU C 95 7.81 -4.47 14.26
N SER C 96 7.89 -3.31 14.88
CA SER C 96 6.94 -2.22 14.69
C SER C 96 6.61 -1.71 13.31
N HIS C 97 7.57 -1.81 12.41
CA HIS C 97 7.43 -1.33 11.05
C HIS C 97 7.19 -2.37 9.97
N THR C 98 7.06 -3.61 10.42
CA THR C 98 6.64 -4.72 9.58
C THR C 98 5.17 -4.57 9.24
N MET C 99 4.61 -5.24 8.24
CA MET C 99 3.18 -5.08 7.94
C MET C 99 2.31 -5.37 9.16
N LEU C 100 2.59 -6.43 9.89
CA LEU C 100 1.90 -6.74 11.13
C LEU C 100 1.98 -5.59 12.13
N GLY C 101 3.17 -5.12 12.37
CA GLY C 101 3.39 -4.03 13.29
C GLY C 101 2.66 -2.75 12.91
N GLU C 102 2.70 -2.40 11.64
CA GLU C 102 1.99 -1.25 11.13
C GLU C 102 0.49 -1.28 11.32
N ILE C 103 -0.13 -2.40 11.01
CA ILE C 103 -1.56 -2.56 11.24
C ILE C 103 -1.85 -2.51 12.73
N LEU C 104 -1.01 -3.15 13.53
CA LEU C 104 -1.16 -3.11 14.98
C LEU C 104 -1.18 -1.74 15.56
N ASN C 105 -0.52 -0.80 14.94
CA ASN C 105 -0.53 0.58 15.36
C ASN C 105 -1.73 1.45 15.03
N TYR C 106 -2.65 0.93 14.26
CA TYR C 106 -3.92 1.60 14.05
C TYR C 106 -4.92 1.10 15.09
N TYR C 107 -4.47 0.24 15.99
CA TYR C 107 -5.28 -0.33 17.05
C TYR C 107 -4.61 -0.29 18.43
N THR C 108 -5.41 -0.41 19.47
CA THR C 108 -4.95 -0.33 20.85
C THR C 108 -4.66 -1.65 21.55
N HIS C 109 -5.38 -2.68 21.16
CA HIS C 109 -5.24 -3.98 21.80
C HIS C 109 -4.98 -5.13 20.86
N TRP C 110 -4.04 -6.00 21.15
CA TRP C 110 -3.86 -7.19 20.34
C TRP C 110 -3.91 -8.50 21.11
N ALA C 111 -4.23 -9.54 20.37
CA ALA C 111 -4.27 -10.88 20.93
C ALA C 111 -4.15 -11.96 19.90
N GLY C 112 -3.32 -12.95 20.18
CA GLY C 112 -3.19 -14.08 19.30
C GLY C 112 -1.78 -14.61 19.19
N SER C 113 -1.64 -15.70 18.48
CA SER C 113 -0.37 -16.34 18.22
C SER C 113 0.42 -15.76 17.06
N LEU C 114 1.67 -15.46 17.29
CA LEU C 114 2.56 -14.98 16.24
C LEU C 114 3.35 -16.11 15.62
N LYS C 115 3.77 -15.90 14.38
CA LYS C 115 4.52 -16.89 13.63
C LYS C 115 5.82 -16.40 12.99
N PHE C 116 6.94 -16.84 13.55
CA PHE C 116 8.25 -16.49 13.04
C PHE C 116 8.87 -17.51 12.09
N THR C 117 9.40 -17.02 10.99
CA THR C 117 10.03 -17.88 9.99
C THR C 117 11.41 -17.41 9.61
N PHE C 118 12.41 -18.27 9.71
CA PHE C 118 13.76 -17.96 9.30
C PHE C 118 14.22 -18.65 8.04
N LEU C 119 14.79 -17.87 7.14
CA LEU C 119 15.34 -18.33 5.88
C LEU C 119 16.85 -18.29 5.78
N PHE C 120 17.48 -19.44 5.62
CA PHE C 120 18.91 -19.54 5.43
C PHE C 120 19.39 -19.30 4.02
N CYS C 121 20.01 -18.14 3.80
CA CYS C 121 20.47 -17.78 2.48
C CYS C 121 21.94 -18.03 2.21
N GLY C 122 22.55 -18.95 2.95
CA GLY C 122 23.91 -19.35 2.68
C GLY C 122 24.01 -20.41 1.58
N SER C 123 25.15 -20.99 1.32
CA SER C 123 25.30 -21.98 0.27
C SER C 123 24.84 -23.38 0.58
N MET C 124 24.60 -24.17 -0.46
CA MET C 124 24.25 -25.56 -0.36
C MET C 124 25.23 -26.44 0.38
N MET C 125 26.52 -26.14 0.27
CA MET C 125 27.54 -26.90 0.96
C MET C 125 27.63 -26.60 2.44
N ALA C 126 27.05 -25.50 2.86
CA ALA C 126 26.96 -25.15 4.27
C ALA C 126 26.00 -26.02 5.06
N THR C 127 26.42 -26.42 6.24
CA THR C 127 25.58 -27.19 7.15
C THR C 127 25.56 -26.61 8.55
N GLY C 128 24.59 -26.97 9.37
CA GLY C 128 24.52 -26.48 10.73
C GLY C 128 23.19 -26.66 11.44
N LYS C 129 23.23 -26.52 12.76
CA LYS C 129 22.04 -26.57 13.58
C LYS C 129 21.89 -25.37 14.48
N LEU C 130 20.74 -24.70 14.38
CA LEU C 130 20.43 -23.57 15.21
C LEU C 130 19.28 -23.82 16.14
N LEU C 131 19.27 -23.14 17.27
CA LEU C 131 18.19 -23.22 18.23
C LEU C 131 17.38 -21.94 18.35
N VAL C 132 16.11 -22.01 18.01
CA VAL C 132 15.22 -20.88 18.12
C VAL C 132 14.37 -21.00 19.37
N SER C 133 14.33 -19.93 20.12
CA SER C 133 13.66 -19.91 21.40
C SER C 133 12.71 -18.76 21.76
N TYR C 134 11.66 -19.14 22.47
CA TYR C 134 10.74 -18.20 23.05
C TYR C 134 10.53 -18.42 24.54
N ALA C 135 10.77 -17.34 25.27
CA ALA C 135 10.62 -17.33 26.71
C ALA C 135 9.54 -16.43 27.20
N PRO C 136 8.43 -16.97 27.70
CA PRO C 136 7.41 -16.19 28.36
C PRO C 136 7.98 -15.30 29.46
N PRO C 137 7.40 -14.13 29.63
CA PRO C 137 7.86 -13.11 30.55
C PRO C 137 8.08 -13.48 32.02
N GLY C 138 8.69 -12.59 32.77
CA GLY C 138 8.80 -12.73 34.21
C GLY C 138 10.16 -13.08 34.80
N ALA C 139 11.08 -13.45 33.95
CA ALA C 139 12.43 -13.73 34.40
C ALA C 139 13.50 -12.96 33.65
N ASP C 140 14.78 -13.11 33.99
CA ASP C 140 15.84 -12.47 33.24
C ASP C 140 15.82 -12.90 31.80
N PRO C 141 15.85 -11.96 30.87
CA PRO C 141 15.89 -12.26 29.47
C PRO C 141 17.11 -13.11 29.10
N PRO C 142 16.94 -14.21 28.41
CA PRO C 142 17.99 -15.14 28.09
C PRO C 142 19.23 -14.60 27.39
N LYS C 143 20.37 -14.76 28.03
CA LYS C 143 21.64 -14.36 27.41
C LYS C 143 22.54 -15.47 26.93
N LYS C 144 22.08 -16.67 27.25
CA LYS C 144 22.79 -17.89 26.98
C LYS C 144 21.94 -19.05 26.55
N ARG C 145 22.40 -19.88 25.61
CA ARG C 145 21.66 -21.06 25.16
C ARG C 145 21.09 -21.85 26.30
N LYS C 146 21.92 -22.05 27.31
CA LYS C 146 21.54 -22.80 28.50
C LYS C 146 20.21 -22.36 29.10
N GLU C 147 19.96 -21.07 29.12
CA GLU C 147 18.67 -20.64 29.62
C GLU C 147 17.59 -20.57 28.58
N ALA C 148 17.92 -20.22 27.34
CA ALA C 148 16.93 -20.23 26.27
C ALA C 148 16.32 -21.62 26.09
N MET C 149 17.18 -22.62 26.12
CA MET C 149 16.87 -24.04 26.11
C MET C 149 15.68 -24.44 26.99
N LEU C 150 15.61 -23.77 28.12
CA LEU C 150 14.57 -24.03 29.08
C LEU C 150 13.15 -23.61 28.73
N GLY C 151 12.98 -22.73 27.78
CA GLY C 151 11.67 -22.33 27.36
C GLY C 151 11.21 -23.01 26.08
N THR C 152 10.19 -22.44 25.44
CA THR C 152 9.65 -23.00 24.21
C THR C 152 10.69 -22.93 23.13
N HIS C 153 11.07 -24.05 22.55
CA HIS C 153 12.07 -24.01 21.50
C HIS C 153 12.01 -25.08 20.44
N VAL C 154 12.67 -24.72 19.37
CA VAL C 154 12.77 -25.50 18.16
C VAL C 154 14.22 -25.71 17.73
N ILE C 155 14.60 -26.90 17.29
CA ILE C 155 15.92 -27.04 16.70
C ILE C 155 15.92 -27.18 15.19
N TRP C 156 16.49 -26.17 14.58
CA TRP C 156 16.57 -26.03 13.14
C TRP C 156 17.83 -26.62 12.50
N ASP C 157 17.65 -27.58 11.60
CA ASP C 157 18.76 -28.10 10.83
C ASP C 157 18.91 -27.45 9.46
N ILE C 158 19.81 -26.47 9.41
CA ILE C 158 20.12 -25.71 8.20
C ILE C 158 20.35 -26.58 6.99
N GLY C 159 21.22 -27.56 7.15
CA GLY C 159 21.58 -28.40 6.03
C GLY C 159 20.38 -29.11 5.40
N LEU C 160 19.56 -29.70 6.27
CA LEU C 160 18.39 -30.44 5.81
C LEU C 160 17.37 -29.47 5.22
N GLN C 161 16.77 -28.57 6.02
CA GLN C 161 16.00 -27.58 5.29
C GLN C 161 16.23 -26.11 5.49
N SER C 162 16.36 -25.48 4.32
CA SER C 162 16.65 -24.05 4.21
C SER C 162 15.89 -23.04 5.01
N SER C 163 14.65 -23.32 5.28
CA SER C 163 13.87 -22.43 6.11
C SER C 163 13.27 -23.14 7.31
N CYS C 164 12.84 -22.35 8.27
CA CYS C 164 12.30 -22.87 9.50
C CYS C 164 11.27 -21.97 10.17
N THR C 165 10.14 -22.53 10.51
CA THR C 165 9.07 -21.79 11.15
C THR C 165 8.86 -22.11 12.61
N MET C 166 8.74 -21.10 13.44
CA MET C 166 8.36 -21.26 14.82
C MET C 166 7.17 -20.43 15.24
N VAL C 167 6.15 -21.10 15.75
CA VAL C 167 4.97 -20.42 16.25
C VAL C 167 5.09 -20.00 17.69
N VAL C 168 4.99 -18.72 17.99
CA VAL C 168 4.94 -18.22 19.35
C VAL C 168 3.47 -18.18 19.79
N PRO C 169 3.04 -19.19 20.50
CA PRO C 169 1.67 -19.39 20.94
C PRO C 169 1.18 -18.32 21.88
N TRP C 170 -0.05 -17.87 21.75
CA TRP C 170 -0.59 -16.90 22.68
C TRP C 170 -0.58 -17.36 24.12
N ILE C 171 0.30 -16.75 24.89
CA ILE C 171 0.30 -16.95 26.33
C ILE C 171 0.45 -15.64 27.09
N SER C 172 -0.65 -15.24 27.68
CA SER C 172 -0.73 -13.98 28.41
C SER C 172 -1.58 -14.02 29.66
N ASN C 173 -1.29 -13.23 30.68
CA ASN C 173 -2.20 -13.12 31.81
C ASN C 173 -3.47 -12.37 31.44
N THR C 174 -3.30 -11.24 30.76
CA THR C 174 -4.42 -10.45 30.32
C THR C 174 -5.04 -11.00 29.06
N THR C 175 -6.32 -10.76 28.84
CA THR C 175 -7.05 -11.19 27.65
C THR C 175 -6.49 -10.65 26.35
N TYR C 176 -6.04 -9.43 26.45
CA TYR C 176 -5.42 -8.70 25.39
C TYR C 176 -4.20 -7.96 25.88
N ARG C 177 -3.24 -7.71 25.01
CA ARG C 177 -2.06 -6.90 25.31
C ARG C 177 -2.14 -5.52 24.66
N GLN C 178 -1.49 -4.50 25.20
CA GLN C 178 -1.51 -3.20 24.58
C GLN C 178 -0.52 -3.03 23.45
N THR C 179 -0.79 -2.20 22.46
CA THR C 179 0.12 -1.96 21.34
C THR C 179 1.20 -0.93 21.63
N ILE C 180 1.67 -0.90 22.87
CA ILE C 180 2.70 0.00 23.35
C ILE C 180 3.63 -0.68 24.34
N ASP C 181 4.89 -0.25 24.51
CA ASP C 181 5.72 -0.87 25.53
C ASP C 181 5.16 -0.59 26.92
N ASP C 182 4.71 -1.66 27.55
CA ASP C 182 4.21 -1.60 28.89
C ASP C 182 4.41 -2.85 29.70
N SER C 183 5.20 -2.76 30.79
CA SER C 183 5.50 -3.91 31.66
C SER C 183 4.34 -4.77 32.06
N PHE C 184 3.23 -4.11 32.36
CA PHE C 184 2.03 -4.84 32.73
C PHE C 184 1.55 -5.85 31.70
N THR C 185 1.71 -5.56 30.42
CA THR C 185 1.31 -6.48 29.37
C THR C 185 2.45 -7.01 28.53
N GLU C 186 3.66 -7.08 29.08
CA GLU C 186 4.80 -7.65 28.36
C GLU C 186 4.63 -9.05 27.80
N GLY C 187 5.28 -9.38 26.70
CA GLY C 187 5.10 -10.64 26.03
C GLY C 187 6.24 -11.64 26.07
N GLY C 188 7.42 -11.25 26.50
CA GLY C 188 8.53 -12.19 26.58
C GLY C 188 9.62 -12.03 25.54
N TYR C 189 10.46 -13.05 25.44
CA TYR C 189 11.66 -12.95 24.62
C TYR C 189 11.93 -13.98 23.56
N ILE C 190 12.17 -13.53 22.35
CA ILE C 190 12.60 -14.39 21.27
C ILE C 190 14.11 -14.25 21.10
N SER C 191 14.77 -15.38 21.06
CA SER C 191 16.20 -15.42 20.84
C SER C 191 16.67 -16.61 20.02
N VAL C 192 17.75 -16.43 19.28
CA VAL C 192 18.31 -17.47 18.42
C VAL C 192 19.76 -17.82 18.75
N PHE C 193 20.07 -19.11 18.66
CA PHE C 193 21.38 -19.65 18.97
C PHE C 193 22.01 -20.69 18.09
N TYR C 194 23.31 -20.89 18.18
CA TYR C 194 23.97 -22.00 17.54
C TYR C 194 23.82 -23.27 18.35
N GLN C 195 23.13 -24.27 17.84
CA GLN C 195 23.01 -25.54 18.53
C GLN C 195 24.33 -26.32 18.46
N THR C 196 24.81 -26.52 17.25
CA THR C 196 26.13 -27.11 17.00
C THR C 196 26.99 -25.96 16.51
N ARG C 197 27.21 -25.79 15.22
CA ARG C 197 27.85 -24.65 14.58
C ARG C 197 27.72 -24.75 13.07
N ILE C 198 27.88 -23.63 12.37
CA ILE C 198 27.88 -23.67 10.93
C ILE C 198 29.20 -24.25 10.43
N VAL C 199 29.07 -25.25 9.60
CA VAL C 199 30.20 -25.93 9.02
C VAL C 199 30.22 -25.92 7.49
N VAL C 200 31.31 -25.43 6.94
CA VAL C 200 31.53 -25.44 5.50
C VAL C 200 32.84 -26.13 5.11
N PRO C 201 32.87 -26.66 3.91
CA PRO C 201 34.04 -27.22 3.29
C PRO C 201 35.03 -26.17 2.79
N LEU C 202 36.15 -26.54 2.18
CA LEU C 202 37.01 -25.56 1.56
C LEU C 202 36.36 -25.01 0.30
N SER C 203 36.93 -23.97 -0.29
CA SER C 203 36.41 -23.32 -1.49
C SER C 203 34.99 -22.81 -1.40
N THR C 204 34.56 -22.59 -0.17
CA THR C 204 33.22 -22.08 0.04
C THR C 204 33.09 -21.00 1.11
N PRO C 205 32.15 -20.08 0.94
CA PRO C 205 32.00 -18.96 1.84
C PRO C 205 31.74 -19.26 3.30
N ARG C 206 32.56 -18.69 4.17
CA ARG C 206 32.48 -18.92 5.62
C ARG C 206 31.48 -18.08 6.37
N GLU C 207 31.03 -17.05 5.69
CA GLU C 207 29.95 -16.23 6.22
C GLU C 207 28.75 -16.19 5.33
N MET C 208 27.59 -16.20 5.95
CA MET C 208 26.36 -16.15 5.22
C MET C 208 25.28 -15.42 5.97
N ASP C 209 24.19 -15.16 5.28
CA ASP C 209 23.05 -14.46 5.84
C ASP C 209 21.79 -15.21 6.06
N ILE C 210 21.13 -14.94 7.17
CA ILE C 210 19.77 -15.43 7.31
C ILE C 210 18.79 -14.28 7.34
N LEU C 211 17.69 -14.49 6.67
CA LEU C 211 16.57 -13.57 6.65
C LEU C 211 15.50 -14.09 7.57
N GLY C 212 14.77 -13.21 8.20
CA GLY C 212 13.72 -13.58 9.10
C GLY C 212 12.43 -12.85 8.81
N PHE C 213 11.35 -13.53 9.09
CA PHE C 213 10.01 -13.04 8.81
C PHE C 213 8.99 -13.20 9.92
N VAL C 214 8.04 -12.26 10.02
CA VAL C 214 6.95 -12.41 10.97
C VAL C 214 5.57 -12.17 10.38
N SER C 215 4.60 -12.84 10.95
CA SER C 215 3.20 -12.63 10.66
C SER C 215 2.26 -13.15 11.73
N ALA C 216 1.01 -12.74 11.66
CA ALA C 216 0.01 -13.21 12.58
C ALA C 216 -0.64 -14.54 12.25
N CYS C 217 -0.91 -15.39 13.22
CA CYS C 217 -1.65 -16.60 12.96
C CYS C 217 -3.16 -16.36 12.86
N ASN C 218 -3.97 -17.29 12.37
CA ASN C 218 -5.42 -17.06 12.24
C ASN C 218 -6.22 -16.95 13.51
N ASP C 219 -5.60 -17.17 14.65
CA ASP C 219 -6.26 -16.98 15.93
C ASP C 219 -6.15 -15.53 16.43
N PHE C 220 -5.58 -14.67 15.62
CA PHE C 220 -5.24 -13.31 15.96
C PHE C 220 -6.25 -12.23 15.73
N SER C 221 -6.35 -11.31 16.66
CA SER C 221 -7.23 -10.17 16.49
C SER C 221 -6.83 -8.94 17.26
N VAL C 222 -7.42 -7.83 16.85
CA VAL C 222 -7.11 -6.54 17.43
C VAL C 222 -8.32 -5.70 17.79
N ARG C 223 -8.20 -4.81 18.74
CA ARG C 223 -9.28 -3.90 19.02
C ARG C 223 -8.97 -2.46 19.35
N LEU C 224 -10.03 -1.66 19.43
CA LEU C 224 -10.02 -0.22 19.65
C LEU C 224 -9.22 0.58 18.63
N LEU C 225 -9.83 0.80 17.48
CA LEU C 225 -9.22 1.60 16.44
C LEU C 225 -8.70 2.95 16.92
N ARG C 226 -7.53 3.31 16.43
CA ARG C 226 -6.85 4.52 16.82
C ARG C 226 -5.90 5.08 15.77
N ASP C 227 -5.56 6.34 15.90
CA ASP C 227 -4.57 6.91 15.02
C ASP C 227 -3.15 6.49 15.33
N THR C 228 -2.36 6.38 14.30
CA THR C 228 -0.98 5.95 14.41
C THR C 228 0.03 7.05 14.57
N THR C 229 1.17 6.74 15.16
CA THR C 229 2.29 7.66 15.24
C THR C 229 3.26 7.48 14.09
N HIS C 230 3.06 6.44 13.30
CA HIS C 230 3.97 6.13 12.21
C HIS C 230 3.98 7.01 10.98
N ILE C 231 3.26 8.11 11.07
CA ILE C 231 3.16 9.10 10.02
C ILE C 231 2.64 10.40 10.62
N GLU C 232 3.00 11.52 10.02
CA GLU C 232 2.46 12.79 10.46
C GLU C 232 2.65 14.02 9.57
N GLN C 233 1.82 14.98 9.90
CA GLN C 233 1.88 16.22 9.18
C GLN C 233 2.53 17.40 9.86
N LYS C 234 3.21 17.26 11.02
CA LYS C 234 3.90 18.40 11.71
C LYS C 234 4.37 19.53 10.78
N ALA C 235 3.47 20.49 10.59
CA ALA C 235 3.48 21.50 9.50
C ALA C 235 2.02 21.72 9.04
N LEU C 236 1.22 20.71 9.44
CA LEU C 236 -0.20 20.53 9.19
C LEU C 236 -1.16 21.66 9.57
N ALA C 237 -1.40 21.87 10.87
CA ALA C 237 -2.42 22.84 11.35
C ALA C 237 -3.88 22.48 11.00
N GLN C 238 -4.55 21.80 11.95
CA GLN C 238 -5.97 21.45 11.90
C GLN C 238 -6.96 22.15 12.84
#